data_1ZBA
#
_entry.id   1ZBA
#
_cell.length_a   307.000
_cell.length_b   307.000
_cell.length_c   715.000
_cell.angle_alpha   90.00
_cell.angle_beta   90.00
_cell.angle_gamma   120.00
#
_symmetry.space_group_name_H-M   'H 3'
#
loop_
_entity.id
_entity.type
_entity.pdbx_description
1 polymer 'Coat protein VP1'
2 polymer 'Coat protein VP2'
3 polymer 'Coat protein VP3'
4 polymer 'Coat protein VP4'
5 branched '2-deoxy-6-O-sulfo-2-(sulfoamino)-alpha-D-glucopyranose-(1-4)-2-O-sulfo-alpha-L-idopyranuronic acid-(1-4)-2-deoxy-6-O-sulfo-2-(sulfoamino)-alpha-D-glucopyranose'
6 water water
#
loop_
_entity_poly.entity_id
_entity_poly.type
_entity_poly.pdbx_seq_one_letter_code
_entity_poly.pdbx_strand_id
1 'polypeptide(L)'
;TTTTGESADPVTTTVENYGGDTQVQRRHHTDVGFIMDRFVKINSLSPTHVIDLMQTHKHGIVGALLRAATYYFSDLEIVV
RHDGNLTWVPNGAPEAALSNTSNPTAYNKAPFTRLALPYTAPHRVLATVYDGTNKYSASDSRSGDLGSIAARVATQLPAS
FNYGAIQAQAIHELLVRMKRAELYCPRPLLAIKVTSQDRYKQKIIAPAKQLL
;
1
2 'polypeptide(L)'
;DKKTEETTLLEDRLLTTRNGHTTSTTQSSVGVTYGYSTEEDHVAGPNTSGLETRVVQAERFFKKFLFDWTTDKPFGYLTK
LELPTDHHGVFGHLVDSYAYMRNGWDVEVSAVGNQFNGGCLLVAMVPEWKAFDTREKYQLTLFPHQFISPRTNMTAHITV
PYLGVNRYDQYKKHKPWTLVVMVLSPLTVSNTAAPQIKVYANIAPTYVHVAGELPSKE
;
2
3 'polypeptide(L)'
;GIFPVACADGYGGLVTTDPKTADPVYGKVYNPPKTNYPGRFTNLLDVAEACPTFLRFDDGKPYVVTRADDTRLLAKFDVS
LAAKHMSNTYLSGIAQYYTQYSGTINLHFMFTGSTDSKARYMVAYIPPGVETPPDTPEEAAHCIHAEWDTGLNSKFTFSI
PYVSAADYAYTASDTAETTNVQGWVCVYQITHGKAENDTLLVSASAGKDFELRLPIDPRTQ
;
3
4 'polypeptide(L)'
;GAGQSSPATGSQNQSGNTGSIINNYYMQQYQNSMSTQLGDNTISGGSNEGSTDTTSTHTTNTQNNDWFSKLASSAFTGLF
GALLA
;
4
#
# COMPACT_ATOMS: atom_id res chain seq x y z
N THR A 1 -40.91 0.52 -11.64
CA THR A 1 -40.03 1.30 -12.57
C THR A 1 -39.25 0.37 -13.50
N THR A 2 -39.20 0.73 -14.77
CA THR A 2 -38.43 -0.03 -15.74
C THR A 2 -37.23 0.87 -16.07
N THR A 3 -36.09 0.28 -16.37
CA THR A 3 -34.91 1.07 -16.70
C THR A 3 -34.03 0.21 -17.59
N THR A 4 -32.97 0.83 -18.08
CA THR A 4 -31.99 0.15 -18.91
C THR A 4 -31.03 -0.50 -17.92
N GLY A 5 -31.26 -1.76 -17.60
CA GLY A 5 -30.41 -2.44 -16.63
C GLY A 5 -28.95 -2.67 -17.02
N GLU A 6 -28.67 -2.75 -18.31
CA GLU A 6 -27.31 -3.00 -18.77
C GLU A 6 -26.32 -1.93 -18.36
N SER A 7 -26.82 -0.72 -18.10
CA SER A 7 -25.99 0.41 -17.72
C SER A 7 -25.42 0.28 -16.32
N ALA A 8 -26.10 -0.50 -15.48
CA ALA A 8 -25.68 -0.73 -14.09
C ALA A 8 -25.87 0.50 -13.20
N ASP A 9 -26.63 1.49 -13.66
CA ASP A 9 -26.88 2.68 -12.85
C ASP A 9 -27.82 2.26 -11.72
N PRO A 10 -27.51 2.63 -10.47
CA PRO A 10 -28.38 2.26 -9.34
C PRO A 10 -29.83 2.73 -9.48
N VAL A 11 -30.76 1.85 -9.10
CA VAL A 11 -32.19 2.12 -9.13
C VAL A 11 -32.78 1.71 -7.78
N THR A 12 -33.44 2.63 -7.07
CA THR A 12 -34.04 2.31 -5.79
C THR A 12 -35.51 2.74 -5.78
N THR A 13 -36.43 1.77 -5.97
CA THR A 13 -37.84 2.11 -5.97
C THR A 13 -38.32 2.15 -4.52
N THR A 14 -39.52 2.68 -4.32
CA THR A 14 -40.11 2.79 -2.99
C THR A 14 -41.56 2.31 -3.03
N VAL A 15 -42.14 2.06 -1.86
CA VAL A 15 -43.52 1.58 -1.81
C VAL A 15 -44.54 2.60 -2.31
N GLU A 16 -44.10 3.84 -2.50
CA GLU A 16 -44.98 4.88 -2.99
C GLU A 16 -45.51 4.56 -4.38
N ASN A 17 -44.75 3.74 -5.12
CA ASN A 17 -45.15 3.33 -6.46
C ASN A 17 -46.55 2.75 -6.49
N TYR A 18 -46.90 2.01 -5.45
CA TYR A 18 -48.22 1.42 -5.39
C TYR A 18 -49.06 1.91 -4.21
N GLY A 19 -48.73 3.10 -3.71
CA GLY A 19 -49.52 3.69 -2.63
C GLY A 19 -49.05 3.63 -1.19
N GLY A 20 -47.85 3.12 -0.94
CA GLY A 20 -47.34 3.04 0.42
C GLY A 20 -46.63 4.30 0.86
N ASP A 21 -46.10 4.28 2.08
CA ASP A 21 -45.39 5.41 2.69
C ASP A 21 -44.02 4.87 3.13
N THR A 22 -42.93 5.41 2.57
CA THR A 22 -41.58 5.00 2.98
C THR A 22 -41.36 5.53 4.41
N GLN A 23 -40.77 4.72 5.28
CA GLN A 23 -40.57 5.15 6.66
C GLN A 23 -39.18 5.68 7.00
N VAL A 24 -39.01 5.98 8.27
CA VAL A 24 -37.79 6.50 8.83
C VAL A 24 -36.81 5.39 9.17
N GLN A 25 -35.54 5.56 8.80
CA GLN A 25 -34.52 4.56 9.12
C GLN A 25 -33.44 5.13 10.04
N ARG A 26 -32.96 4.29 10.95
CA ARG A 26 -31.87 4.67 11.86
C ARG A 26 -30.83 3.59 11.62
N ARG A 27 -29.73 3.97 10.99
CA ARG A 27 -28.68 3.02 10.63
C ARG A 27 -27.37 3.01 11.40
N HIS A 28 -27.44 3.32 12.69
CA HIS A 28 -26.27 3.35 13.54
C HIS A 28 -25.50 2.04 13.62
N HIS A 29 -26.22 0.92 13.73
CA HIS A 29 -25.57 -0.39 13.85
C HIS A 29 -24.85 -0.87 12.59
N THR A 30 -25.16 -0.29 11.43
CA THR A 30 -24.47 -0.68 10.20
C THR A 30 -23.36 0.33 9.86
N ASP A 31 -23.05 1.19 10.81
CA ASP A 31 -21.97 2.14 10.63
C ASP A 31 -20.65 1.37 10.74
N VAL A 32 -19.78 1.55 9.75
CA VAL A 32 -18.52 0.84 9.73
C VAL A 32 -17.64 1.01 10.95
N GLY A 33 -17.41 2.26 11.34
CA GLY A 33 -16.56 2.52 12.49
C GLY A 33 -17.12 1.94 13.77
N PHE A 34 -18.44 1.98 13.90
CA PHE A 34 -19.09 1.45 15.07
C PHE A 34 -19.04 -0.07 15.12
N ILE A 35 -19.43 -0.71 14.03
CA ILE A 35 -19.47 -2.17 13.96
C ILE A 35 -18.11 -2.86 14.10
N MET A 36 -17.05 -2.24 13.59
CA MET A 36 -15.72 -2.85 13.70
C MET A 36 -15.09 -2.61 15.05
N ASP A 37 -15.71 -1.73 15.83
CA ASP A 37 -15.15 -1.36 17.13
C ASP A 37 -15.53 -2.23 18.31
N ARG A 38 -15.08 -3.47 18.29
CA ARG A 38 -15.37 -4.40 19.39
C ARG A 38 -14.26 -5.44 19.38
N PHE A 39 -13.96 -6.03 20.52
CA PHE A 39 -12.90 -7.02 20.59
C PHE A 39 -13.23 -8.33 19.88
N VAL A 40 -12.23 -8.89 19.21
CA VAL A 40 -12.38 -10.15 18.49
C VAL A 40 -11.18 -11.00 18.91
N LYS A 41 -11.34 -12.31 19.03
CA LYS A 41 -10.20 -13.11 19.44
C LYS A 41 -9.36 -13.72 18.33
N ILE A 42 -8.07 -13.91 18.63
CA ILE A 42 -7.12 -14.51 17.70
C ILE A 42 -6.81 -15.87 18.34
N ASN A 43 -7.19 -16.94 17.64
CA ASN A 43 -7.00 -18.30 18.16
C ASN A 43 -5.62 -18.88 18.21
N SER A 44 -4.86 -18.75 17.12
CA SER A 44 -3.51 -19.29 17.14
C SER A 44 -2.65 -18.31 17.90
N LEU A 45 -1.79 -18.83 18.76
CA LEU A 45 -0.92 -18.01 19.56
C LEU A 45 0.38 -18.76 19.77
N SER A 46 1.34 -18.10 20.40
CA SER A 46 2.64 -18.69 20.69
C SER A 46 3.38 -17.64 21.49
N PRO A 47 4.45 -18.03 22.23
CA PRO A 47 5.24 -17.08 23.05
C PRO A 47 5.65 -15.80 22.30
N THR A 48 5.87 -15.94 20.99
CA THR A 48 6.19 -14.81 20.10
C THR A 48 5.08 -14.75 19.04
N HIS A 49 4.37 -13.64 18.97
CA HIS A 49 3.25 -13.52 18.04
C HIS A 49 3.22 -12.19 17.28
N VAL A 50 3.16 -12.28 15.95
CA VAL A 50 3.10 -11.13 15.07
C VAL A 50 1.62 -10.81 14.83
N ILE A 51 1.20 -9.61 15.23
CA ILE A 51 -0.20 -9.18 15.08
C ILE A 51 -0.61 -8.95 13.62
N ASP A 52 -1.52 -9.81 13.16
CA ASP A 52 -2.01 -9.79 11.80
C ASP A 52 -3.53 -10.01 11.88
N LEU A 53 -4.30 -8.99 11.50
CA LEU A 53 -5.76 -9.04 11.55
C LEU A 53 -6.37 -10.16 10.71
N MET A 54 -5.61 -10.68 9.75
CA MET A 54 -6.11 -11.78 8.92
C MET A 54 -6.15 -13.13 9.66
N GLN A 55 -5.61 -13.16 10.88
CA GLN A 55 -5.61 -14.37 11.72
C GLN A 55 -6.95 -14.43 12.46
N THR A 56 -7.77 -13.44 12.18
CA THR A 56 -9.08 -13.30 12.74
C THR A 56 -9.94 -14.41 12.05
N HIS A 57 -10.97 -14.93 12.70
CA HIS A 57 -11.77 -15.99 12.05
C HIS A 57 -12.66 -15.46 10.93
N LYS A 58 -12.64 -16.12 9.78
CA LYS A 58 -13.40 -15.65 8.61
C LYS A 58 -14.93 -15.51 8.72
N HIS A 59 -15.52 -16.08 9.76
CA HIS A 59 -16.98 -16.06 9.95
C HIS A 59 -17.46 -15.24 11.13
N GLY A 60 -16.51 -14.71 11.90
CA GLY A 60 -16.85 -13.86 13.03
C GLY A 60 -17.30 -12.53 12.46
N ILE A 61 -18.09 -11.77 13.22
CA ILE A 61 -18.59 -10.48 12.75
C ILE A 61 -17.50 -9.52 12.22
N VAL A 62 -16.40 -9.39 12.96
CA VAL A 62 -15.27 -8.53 12.56
C VAL A 62 -14.48 -9.09 11.36
N GLY A 63 -14.10 -10.36 11.45
CA GLY A 63 -13.38 -11.04 10.38
C GLY A 63 -14.16 -11.15 9.08
N ALA A 64 -15.47 -11.39 9.16
CA ALA A 64 -16.31 -11.48 7.99
C ALA A 64 -16.32 -10.09 7.32
N LEU A 65 -16.63 -9.07 8.12
CA LEU A 65 -16.71 -7.70 7.65
C LEU A 65 -15.40 -7.16 7.10
N LEU A 66 -14.28 -7.47 7.78
CA LEU A 66 -12.97 -7.02 7.31
C LEU A 66 -12.68 -7.62 5.93
N ARG A 67 -12.95 -8.91 5.77
CA ARG A 67 -12.72 -9.61 4.50
C ARG A 67 -13.67 -9.14 3.40
N ALA A 68 -14.72 -8.43 3.79
CA ALA A 68 -15.67 -7.90 2.81
C ALA A 68 -15.22 -6.52 2.34
N ALA A 69 -13.94 -6.22 2.56
CA ALA A 69 -13.30 -4.98 2.13
C ALA A 69 -11.93 -5.32 1.54
N THR A 70 -11.47 -4.55 0.56
CA THR A 70 -10.18 -4.81 -0.05
C THR A 70 -9.05 -4.12 0.72
N TYR A 71 -9.25 -2.85 1.05
CA TYR A 71 -8.26 -2.07 1.79
C TYR A 71 -8.84 -1.55 3.06
N TYR A 72 -7.99 -1.33 4.06
CA TYR A 72 -8.46 -0.84 5.33
C TYR A 72 -7.37 -0.07 6.08
N PHE A 73 -7.78 0.60 7.15
CA PHE A 73 -6.87 1.33 8.00
C PHE A 73 -7.48 1.39 9.39
N SER A 74 -6.62 1.36 10.41
CA SER A 74 -7.09 1.48 11.77
C SER A 74 -5.97 1.47 12.78
N ASP A 75 -6.29 1.99 13.96
CA ASP A 75 -5.39 1.96 15.09
C ASP A 75 -5.82 0.67 15.79
N LEU A 76 -5.24 0.37 16.94
CA LEU A 76 -5.58 -0.90 17.56
C LEU A 76 -5.51 -0.94 19.07
N GLU A 77 -6.26 -1.88 19.63
CA GLU A 77 -6.22 -2.13 21.06
C GLU A 77 -6.07 -3.63 21.19
N ILE A 78 -5.30 -4.06 22.19
CA ILE A 78 -5.12 -5.48 22.42
C ILE A 78 -5.26 -5.82 23.90
N VAL A 79 -5.82 -7.00 24.16
CA VAL A 79 -5.93 -7.50 25.52
C VAL A 79 -5.11 -8.79 25.44
N VAL A 80 -4.12 -8.91 26.30
CA VAL A 80 -3.28 -10.10 26.31
C VAL A 80 -3.18 -10.73 27.71
N ARG A 81 -3.47 -12.02 27.79
CA ARG A 81 -3.38 -12.76 29.05
C ARG A 81 -2.05 -13.50 28.89
N HIS A 82 -1.07 -13.16 29.72
CA HIS A 82 0.26 -13.75 29.56
C HIS A 82 1.02 -14.00 30.85
N ASP A 83 2.02 -14.87 30.78
CA ASP A 83 2.88 -15.17 31.91
C ASP A 83 4.10 -14.28 31.73
N GLY A 84 4.61 -13.75 32.84
CA GLY A 84 5.76 -12.87 32.77
C GLY A 84 5.37 -11.53 32.19
N ASN A 85 6.36 -10.82 31.66
CA ASN A 85 6.14 -9.51 31.07
C ASN A 85 5.92 -9.55 29.57
N LEU A 86 5.16 -8.57 29.07
CA LEU A 86 4.81 -8.48 27.67
C LEU A 86 5.58 -7.35 26.99
N THR A 87 6.22 -7.66 25.88
CA THR A 87 6.96 -6.67 25.12
C THR A 87 6.34 -6.56 23.74
N TRP A 88 6.13 -5.33 23.30
CA TRP A 88 5.59 -5.07 21.98
C TRP A 88 6.67 -4.34 21.21
N VAL A 89 6.65 -4.55 19.91
CA VAL A 89 7.64 -3.96 19.03
C VAL A 89 6.89 -3.55 17.74
N PRO A 90 7.22 -2.38 17.18
CA PRO A 90 6.54 -1.94 15.96
C PRO A 90 6.93 -2.67 14.68
N ASN A 91 6.07 -2.50 13.69
CA ASN A 91 6.23 -3.06 12.34
C ASN A 91 7.62 -2.71 11.81
N GLY A 92 8.32 -3.73 11.31
CA GLY A 92 9.65 -3.51 10.75
C GLY A 92 10.81 -3.85 11.66
N ALA A 93 10.51 -4.24 12.88
CA ALA A 93 11.55 -4.56 13.85
C ALA A 93 12.12 -5.96 13.80
N PRO A 94 13.43 -6.09 14.11
CA PRO A 94 14.14 -7.38 14.12
C PRO A 94 13.48 -8.20 15.22
N GLU A 95 13.18 -9.47 14.93
CA GLU A 95 12.52 -10.34 15.91
C GLU A 95 13.30 -10.36 17.23
N ALA A 96 14.61 -10.23 17.12
CA ALA A 96 15.50 -10.21 18.28
C ALA A 96 15.23 -9.08 19.27
N ALA A 97 14.68 -7.96 18.78
CA ALA A 97 14.39 -6.82 19.64
C ALA A 97 13.37 -7.13 20.73
N LEU A 98 12.53 -8.14 20.49
CA LEU A 98 11.47 -8.55 21.42
C LEU A 98 11.98 -8.93 22.82
N SER A 99 13.27 -9.21 22.92
CA SER A 99 13.87 -9.60 24.20
C SER A 99 14.29 -8.40 25.02
N ASN A 100 14.35 -7.23 24.39
CA ASN A 100 14.75 -6.03 25.07
C ASN A 100 13.64 -5.22 25.71
N THR A 101 13.87 -4.95 26.98
CA THR A 101 12.98 -4.24 27.87
C THR A 101 12.68 -2.77 27.57
N SER A 102 13.54 -2.09 26.80
CA SER A 102 13.29 -0.67 26.46
C SER A 102 12.25 -0.43 25.39
N ASN A 103 11.80 -1.51 24.77
CA ASN A 103 10.70 -1.46 23.82
C ASN A 103 9.51 -1.48 24.78
N PRO A 104 8.33 -0.95 24.37
CA PRO A 104 7.20 -0.96 25.31
C PRO A 104 7.01 -2.35 25.96
N THR A 105 7.26 -2.42 27.26
CA THR A 105 7.14 -3.65 28.02
C THR A 105 6.21 -3.47 29.22
N ALA A 106 5.13 -4.26 29.25
CA ALA A 106 4.15 -4.21 30.33
C ALA A 106 4.44 -5.28 31.37
N TYR A 107 4.66 -4.84 32.61
CA TYR A 107 4.94 -5.77 33.69
C TYR A 107 3.67 -6.45 34.10
N ASN A 108 3.76 -7.74 34.35
CA ASN A 108 2.61 -8.54 34.72
C ASN A 108 1.71 -7.96 35.79
N LYS A 109 0.42 -7.81 35.47
CA LYS A 109 -0.60 -7.33 36.41
C LYS A 109 -1.87 -8.10 36.10
N ALA A 110 -2.38 -8.81 37.11
CA ALA A 110 -3.58 -9.62 36.91
C ALA A 110 -4.80 -8.77 36.63
N PRO A 111 -5.74 -9.28 35.80
CA PRO A 111 -5.71 -10.58 35.14
C PRO A 111 -5.15 -10.63 33.73
N PHE A 112 -4.91 -9.47 33.12
CA PHE A 112 -4.37 -9.41 31.77
C PHE A 112 -3.92 -7.98 31.48
N THR A 113 -3.40 -7.74 30.29
CA THR A 113 -2.92 -6.41 29.92
C THR A 113 -3.72 -5.84 28.77
N ARG A 114 -4.26 -4.64 28.95
CA ARG A 114 -5.00 -3.96 27.87
C ARG A 114 -4.10 -2.82 27.42
N LEU A 115 -3.98 -2.64 26.11
CA LEU A 115 -3.10 -1.60 25.56
C LEU A 115 -3.64 -0.92 24.31
N ALA A 116 -3.26 0.33 24.09
CA ALA A 116 -3.68 1.07 22.90
C ALA A 116 -2.41 1.19 22.05
N LEU A 117 -2.46 0.73 20.81
CA LEU A 117 -1.30 0.77 19.91
C LEU A 117 -1.65 1.52 18.63
N PRO A 118 -0.67 2.24 18.06
CA PRO A 118 -0.94 2.99 16.83
C PRO A 118 -0.67 2.17 15.59
N TYR A 119 -1.28 2.57 14.47
CA TYR A 119 -1.03 1.92 13.18
C TYR A 119 0.47 2.15 13.00
N THR A 120 1.18 1.21 12.38
CA THR A 120 2.62 1.35 12.30
C THR A 120 3.29 0.84 11.00
N ALA A 121 2.46 0.48 10.02
CA ALA A 121 2.93 -0.03 8.73
C ALA A 121 3.48 1.10 7.85
N PRO A 122 4.35 0.76 6.89
CA PRO A 122 4.94 1.77 6.01
C PRO A 122 4.05 2.18 4.84
N HIS A 123 2.88 1.54 4.75
CA HIS A 123 1.91 1.80 3.69
C HIS A 123 0.78 2.73 4.15
N ARG A 124 0.19 3.46 3.21
CA ARG A 124 -0.89 4.40 3.51
C ARG A 124 -2.16 3.67 3.92
N VAL A 125 -2.26 2.41 3.50
CA VAL A 125 -3.42 1.60 3.78
C VAL A 125 -2.98 0.14 3.64
N LEU A 126 -3.70 -0.78 4.27
CA LEU A 126 -3.35 -2.20 4.16
C LEU A 126 -4.42 -2.92 3.34
N ALA A 127 -4.14 -4.16 2.95
CA ALA A 127 -5.09 -4.95 2.17
C ALA A 127 -5.33 -6.32 2.76
N THR A 128 -6.50 -6.87 2.49
CA THR A 128 -6.90 -8.20 2.96
C THR A 128 -6.57 -9.25 1.90
N VAL A 129 -6.33 -8.78 0.69
CA VAL A 129 -5.98 -9.63 -0.44
C VAL A 129 -4.98 -8.83 -1.28
N TYR A 130 -3.94 -9.50 -1.79
CA TYR A 130 -2.89 -8.83 -2.56
C TYR A 130 -2.48 -9.63 -3.79
N ASP A 131 -2.83 -9.14 -4.97
CA ASP A 131 -2.50 -9.85 -6.19
C ASP A 131 -1.07 -9.67 -6.68
N GLY A 132 -0.13 -10.23 -5.93
CA GLY A 132 1.25 -10.14 -6.31
C GLY A 132 1.61 -11.33 -7.19
N THR A 133 2.44 -11.10 -8.21
CA THR A 133 2.90 -12.19 -9.09
C THR A 133 3.79 -13.03 -8.16
N ASN A 134 4.39 -12.33 -7.20
CA ASN A 134 5.21 -12.88 -6.14
C ASN A 134 5.18 -11.88 -4.97
N LYS A 135 5.76 -10.69 -5.18
CA LYS A 135 5.85 -9.58 -4.19
C LYS A 135 7.19 -9.57 -3.42
N TYR A 136 8.12 -10.45 -3.83
CA TYR A 136 9.44 -10.58 -3.18
C TYR A 136 10.60 -9.78 -3.78
N SER A 137 11.73 -9.79 -3.07
CA SER A 137 12.95 -9.09 -3.49
C SER A 137 13.90 -9.93 -4.36
N THR A 155 -1.85 -17.04 -2.59
CA THR A 155 -2.64 -16.74 -1.35
C THR A 155 -1.73 -16.27 -0.20
N GLN A 156 -0.77 -15.41 -0.52
CA GLN A 156 0.14 -14.88 0.49
C GLN A 156 0.12 -13.34 0.51
N LEU A 157 0.24 -12.78 1.70
CA LEU A 157 0.22 -11.32 1.90
C LEU A 157 1.60 -10.80 2.24
N PRO A 158 1.96 -9.58 1.76
CA PRO A 158 3.28 -9.03 2.06
C PRO A 158 3.54 -9.03 3.57
N ALA A 159 4.78 -9.33 3.95
CA ALA A 159 5.15 -9.39 5.36
C ALA A 159 5.01 -8.05 6.08
N SER A 160 5.04 -6.96 5.31
CA SER A 160 4.90 -5.63 5.90
C SER A 160 3.48 -5.35 6.40
N PHE A 161 2.52 -6.21 6.07
CA PHE A 161 1.15 -6.01 6.51
C PHE A 161 0.94 -6.52 7.93
N ASN A 162 1.38 -5.77 8.93
CA ASN A 162 1.18 -6.20 10.32
C ASN A 162 1.15 -5.02 11.29
N TYR A 163 0.76 -5.28 12.53
CA TYR A 163 0.69 -4.26 13.58
C TYR A 163 1.75 -4.48 14.65
N GLY A 164 2.91 -4.98 14.24
CA GLY A 164 3.98 -5.23 15.19
C GLY A 164 3.90 -6.62 15.80
N ALA A 165 4.65 -6.85 16.86
CA ALA A 165 4.64 -8.15 17.49
C ALA A 165 4.79 -8.10 19.00
N ILE A 166 4.28 -9.13 19.66
CA ILE A 166 4.35 -9.24 21.11
C ILE A 166 5.07 -10.52 21.53
N GLN A 167 5.63 -10.49 22.73
CA GLN A 167 6.32 -11.64 23.28
C GLN A 167 6.23 -11.65 24.80
N ALA A 168 6.05 -12.84 25.35
CA ALA A 168 5.98 -13.06 26.79
C ALA A 168 6.45 -14.50 27.03
N GLN A 169 6.58 -14.90 28.29
CA GLN A 169 6.99 -16.26 28.61
C GLN A 169 5.96 -17.22 28.01
N ALA A 170 4.70 -16.82 28.06
CA ALA A 170 3.60 -17.60 27.51
C ALA A 170 2.46 -16.65 27.21
N ILE A 171 1.83 -16.83 26.05
CA ILE A 171 0.69 -16.02 25.66
C ILE A 171 -0.53 -16.94 25.61
N HIS A 172 -1.42 -16.79 26.60
CA HIS A 172 -2.62 -17.62 26.72
C HIS A 172 -3.84 -17.15 25.95
N GLU A 173 -3.99 -15.84 25.81
CA GLU A 173 -5.16 -15.31 25.13
C GLU A 173 -4.86 -13.95 24.50
N LEU A 174 -5.42 -13.71 23.33
CA LEU A 174 -5.22 -12.45 22.63
C LEU A 174 -6.51 -11.95 21.99
N LEU A 175 -6.95 -10.78 22.42
CA LEU A 175 -8.13 -10.12 21.85
C LEU A 175 -7.58 -8.88 21.15
N VAL A 176 -8.22 -8.52 20.05
CA VAL A 176 -7.78 -7.38 19.26
C VAL A 176 -8.98 -6.48 18.92
N ARG A 177 -8.80 -5.17 18.93
CA ARG A 177 -9.89 -4.21 18.63
C ARG A 177 -9.46 -3.12 17.65
N MET A 178 -10.19 -2.99 16.55
CA MET A 178 -9.93 -1.98 15.51
C MET A 178 -10.49 -0.63 15.92
N LYS A 179 -9.64 0.39 16.00
CA LYS A 179 -10.08 1.74 16.36
C LYS A 179 -9.98 2.68 15.16
N ARG A 180 -10.97 3.54 14.96
CA ARG A 180 -10.99 4.49 13.84
C ARG A 180 -10.93 3.78 12.48
N ALA A 181 -11.59 2.62 12.38
CA ALA A 181 -11.55 1.83 11.16
C ALA A 181 -12.10 2.52 9.93
N GLU A 182 -11.41 2.29 8.82
CA GLU A 182 -11.80 2.80 7.52
C GLU A 182 -11.74 1.60 6.58
N LEU A 183 -12.81 1.41 5.82
CA LEU A 183 -12.93 0.31 4.86
C LEU A 183 -13.13 0.82 3.41
N TYR A 184 -12.45 0.19 2.44
CA TYR A 184 -12.52 0.60 1.04
C TYR A 184 -12.73 -0.57 0.10
N CYS A 185 -13.45 -0.33 -0.98
CA CYS A 185 -13.71 -1.31 -2.03
C CYS A 185 -14.25 -2.64 -1.52
N PRO A 186 -15.57 -2.71 -1.32
CA PRO A 186 -16.27 -3.91 -0.82
C PRO A 186 -16.09 -5.19 -1.65
N ARG A 187 -16.15 -6.34 -0.95
CA ARG A 187 -16.01 -7.66 -1.55
C ARG A 187 -17.13 -8.56 -1.05
N PRO A 188 -17.36 -9.70 -1.72
CA PRO A 188 -18.42 -10.62 -1.31
C PRO A 188 -18.41 -11.04 0.17
N LEU A 189 -19.60 -11.03 0.78
CA LEU A 189 -19.84 -11.40 2.19
C LEU A 189 -20.94 -12.48 2.09
N LEU A 190 -20.65 -13.66 2.60
CA LEU A 190 -21.61 -14.76 2.48
C LEU A 190 -22.30 -15.26 3.75
N ALA A 191 -23.59 -15.55 3.62
CA ALA A 191 -24.36 -16.11 4.72
C ALA A 191 -24.10 -17.62 4.71
N ILE A 192 -24.63 -18.33 5.69
CA ILE A 192 -24.47 -19.78 5.78
C ILE A 192 -25.11 -20.44 4.55
N LYS A 193 -24.47 -21.46 3.99
CA LYS A 193 -25.04 -22.18 2.82
C LYS A 193 -26.35 -22.85 3.27
N VAL A 194 -27.42 -22.67 2.50
CA VAL A 194 -28.71 -23.25 2.87
C VAL A 194 -29.05 -24.56 2.17
N THR A 195 -29.26 -25.58 2.99
CA THR A 195 -29.59 -26.94 2.55
C THR A 195 -31.08 -27.16 2.41
N SER A 196 -31.84 -26.61 3.36
CA SER A 196 -33.29 -26.76 3.39
C SER A 196 -33.97 -26.28 2.10
N GLN A 197 -35.19 -26.74 1.91
CA GLN A 197 -35.98 -26.41 0.73
C GLN A 197 -36.41 -24.95 0.70
N ASP A 198 -36.43 -24.32 1.87
CA ASP A 198 -36.89 -22.95 1.94
C ASP A 198 -36.09 -21.90 2.70
N ARG A 199 -35.78 -22.21 3.96
CA ARG A 199 -35.08 -21.29 4.83
C ARG A 199 -34.08 -22.04 5.68
N TYR A 200 -33.09 -21.32 6.18
CA TYR A 200 -32.15 -21.90 7.10
C TYR A 200 -32.79 -21.67 8.47
N LYS A 201 -33.19 -22.74 9.14
CA LYS A 201 -33.82 -22.62 10.45
C LYS A 201 -32.88 -23.05 11.58
N GLN A 202 -32.93 -22.32 12.68
CA GLN A 202 -32.10 -22.65 13.80
C GLN A 202 -32.81 -22.27 15.09
N LYS A 203 -32.28 -22.74 16.21
CA LYS A 203 -32.89 -22.47 17.51
C LYS A 203 -32.61 -21.06 17.98
N ILE A 204 -33.68 -20.26 18.02
CA ILE A 204 -33.59 -18.88 18.46
C ILE A 204 -33.95 -18.85 19.95
N ILE A 205 -33.27 -18.01 20.74
CA ILE A 205 -33.53 -17.97 22.18
C ILE A 205 -34.99 -17.71 22.52
N ALA A 206 -35.47 -18.39 23.55
CA ALA A 206 -36.85 -18.27 24.00
C ALA A 206 -36.90 -18.62 25.47
N PRO A 207 -37.79 -17.98 26.23
CA PRO A 207 -37.88 -18.30 27.66
C PRO A 207 -38.37 -19.75 27.90
N ALA A 208 -37.94 -20.32 29.02
CA ALA A 208 -38.31 -21.69 29.40
C ALA A 208 -39.80 -21.87 29.76
N ASP B 12 -30.74 6.13 -31.04
CA ASP B 12 -29.25 6.26 -31.14
C ASP B 12 -28.55 6.47 -29.80
N ARG B 13 -27.60 5.59 -29.52
CA ARG B 13 -26.81 5.63 -28.29
C ARG B 13 -25.33 5.60 -28.72
N LEU B 14 -24.91 6.71 -29.32
CA LEU B 14 -23.57 6.88 -29.85
C LEU B 14 -22.54 7.48 -28.94
N LEU B 15 -21.42 6.79 -28.83
CA LEU B 15 -20.36 7.28 -27.97
C LEU B 15 -19.05 7.04 -28.69
N THR B 16 -18.27 8.10 -28.79
CA THR B 16 -16.97 7.97 -29.39
C THR B 16 -15.96 8.41 -28.34
N THR B 17 -15.06 7.49 -28.00
CA THR B 17 -14.03 7.69 -26.99
C THR B 17 -12.70 7.95 -27.67
N ARG B 18 -11.93 8.87 -27.12
CA ARG B 18 -10.64 9.20 -27.66
C ARG B 18 -9.52 9.15 -26.61
N ASN B 19 -8.45 8.42 -26.94
CA ASN B 19 -7.29 8.29 -26.08
C ASN B 19 -6.06 8.46 -26.97
N GLY B 20 -5.44 9.63 -26.88
CA GLY B 20 -4.28 9.90 -27.72
C GLY B 20 -4.71 9.97 -29.16
N HIS B 21 -3.91 9.41 -30.06
CA HIS B 21 -4.23 9.40 -31.48
C HIS B 21 -5.06 8.19 -31.87
N THR B 22 -5.83 7.66 -30.93
CA THR B 22 -6.67 6.51 -31.20
C THR B 22 -8.09 6.82 -30.71
N THR B 23 -9.07 6.46 -31.52
CA THR B 23 -10.46 6.69 -31.15
C THR B 23 -11.27 5.40 -31.37
N SER B 24 -12.40 5.30 -30.67
CA SER B 24 -13.29 4.16 -30.78
C SER B 24 -14.73 4.62 -30.64
N THR B 25 -15.61 4.20 -31.54
CA THR B 25 -17.02 4.59 -31.43
C THR B 25 -18.01 3.44 -31.56
N THR B 26 -19.03 3.44 -30.71
CA THR B 26 -20.11 2.43 -30.71
C THR B 26 -21.38 3.16 -31.01
N GLN B 27 -22.36 2.43 -31.53
CA GLN B 27 -23.66 3.00 -31.81
C GLN B 27 -24.68 2.31 -30.89
N SER B 28 -24.19 1.49 -29.95
CA SER B 28 -25.04 0.80 -28.98
C SER B 28 -24.38 0.93 -27.61
N SER B 29 -24.19 2.17 -27.20
CA SER B 29 -23.57 2.47 -25.92
C SER B 29 -24.64 2.46 -24.85
N VAL B 30 -24.23 2.06 -23.67
CA VAL B 30 -25.15 2.00 -22.56
C VAL B 30 -24.54 2.90 -21.45
N GLY B 31 -23.56 3.71 -21.88
CA GLY B 31 -22.88 4.62 -20.98
C GLY B 31 -21.53 4.14 -20.48
N VAL B 32 -20.93 4.93 -19.58
CA VAL B 32 -19.65 4.60 -18.97
C VAL B 32 -19.83 4.42 -17.46
N THR B 33 -19.25 3.36 -16.92
CA THR B 33 -19.31 3.13 -15.48
C THR B 33 -17.97 3.54 -14.89
N TYR B 34 -18.01 4.47 -13.93
CA TYR B 34 -16.80 4.92 -13.24
C TYR B 34 -16.72 4.14 -11.95
N GLY B 35 -15.56 3.57 -11.67
CA GLY B 35 -15.44 2.80 -10.44
C GLY B 35 -14.66 3.42 -9.31
N TYR B 36 -15.27 3.46 -8.12
CA TYR B 36 -14.63 3.96 -6.89
C TYR B 36 -14.28 5.43 -6.81
N SER B 37 -14.14 6.07 -7.96
CA SER B 37 -13.79 7.47 -8.00
C SER B 37 -13.94 8.02 -9.40
N THR B 38 -14.00 9.34 -9.46
CA THR B 38 -14.16 10.06 -10.70
C THR B 38 -12.83 10.64 -11.15
N GLU B 39 -11.88 10.68 -10.22
CA GLU B 39 -10.55 11.20 -10.51
C GLU B 39 -9.46 10.43 -9.77
N GLU B 40 -8.22 10.71 -10.17
CA GLU B 40 -7.05 10.07 -9.59
C GLU B 40 -6.66 10.80 -8.32
N ASP B 41 -6.04 10.10 -7.37
CA ASP B 41 -5.58 10.79 -6.16
C ASP B 41 -4.25 11.49 -6.53
N HIS B 42 -3.55 12.04 -5.56
CA HIS B 42 -2.31 12.74 -5.87
C HIS B 42 -1.17 11.88 -6.42
N VAL B 43 -0.64 12.27 -7.58
CA VAL B 43 0.45 11.52 -8.21
C VAL B 43 1.84 11.98 -7.79
N ALA B 44 1.90 13.08 -7.05
CA ALA B 44 3.18 13.60 -6.59
C ALA B 44 3.27 13.53 -5.09
N GLY B 45 3.43 12.31 -4.57
CA GLY B 45 3.54 12.11 -3.14
C GLY B 45 4.97 12.06 -2.67
N PRO B 46 5.19 11.86 -1.37
CA PRO B 46 6.56 11.81 -0.87
C PRO B 46 7.40 10.62 -1.31
N ASN B 47 6.79 9.52 -1.73
CA ASN B 47 7.55 8.34 -2.11
C ASN B 47 8.43 8.42 -3.37
N THR B 48 8.17 9.39 -4.23
CA THR B 48 8.99 9.51 -5.44
C THR B 48 9.79 10.81 -5.43
N SER B 49 9.80 11.49 -4.28
CA SER B 49 10.46 12.80 -4.14
C SER B 49 9.89 13.57 -5.31
N GLY B 50 10.62 14.43 -5.97
CA GLY B 50 9.87 15.07 -7.08
C GLY B 50 10.26 14.55 -8.44
N LEU B 51 10.77 13.32 -8.48
CA LEU B 51 11.28 12.72 -9.71
C LEU B 51 10.35 12.06 -10.72
N GLU B 52 9.06 11.99 -10.42
CA GLU B 52 8.14 11.34 -11.37
C GLU B 52 7.78 12.25 -12.54
N THR B 53 7.38 11.62 -13.64
CA THR B 53 6.95 12.36 -14.82
C THR B 53 5.83 11.58 -15.49
N ARG B 54 5.01 12.32 -16.21
CA ARG B 54 3.86 11.77 -16.94
C ARG B 54 4.34 11.45 -18.33
N VAL B 55 3.89 10.32 -18.88
CA VAL B 55 4.27 9.99 -20.25
C VAL B 55 3.03 9.68 -21.08
N VAL B 56 2.53 10.78 -21.61
CA VAL B 56 1.36 10.89 -22.43
C VAL B 56 1.32 10.00 -23.67
N GLN B 57 2.49 9.70 -24.23
CA GLN B 57 2.58 8.84 -25.42
C GLN B 57 2.09 7.41 -25.15
N ALA B 58 2.00 7.03 -23.88
CA ALA B 58 1.54 5.68 -23.55
C ALA B 58 0.03 5.61 -23.40
N GLU B 59 -0.64 6.76 -23.45
CA GLU B 59 -2.07 6.83 -23.26
C GLU B 59 -2.90 6.71 -24.53
N ARG B 60 -3.01 5.47 -24.97
CA ARG B 60 -3.73 5.12 -26.19
C ARG B 60 -4.25 3.69 -26.04
N PHE B 61 -5.12 3.30 -26.96
CA PHE B 61 -5.74 1.98 -26.95
C PHE B 61 -4.86 0.85 -27.48
N PHE B 62 -4.84 -0.28 -26.77
CA PHE B 62 -4.14 -1.49 -27.25
C PHE B 62 -5.24 -2.56 -27.23
N LYS B 63 -5.03 -3.66 -27.93
CA LYS B 63 -6.07 -4.67 -28.03
C LYS B 63 -5.78 -6.06 -27.51
N LYS B 64 -6.83 -6.75 -27.08
CA LYS B 64 -6.66 -8.10 -26.55
C LYS B 64 -7.92 -8.93 -26.72
N PHE B 65 -7.76 -10.14 -27.26
CA PHE B 65 -8.87 -11.06 -27.43
C PHE B 65 -9.13 -11.70 -26.06
N LEU B 66 -10.40 -11.85 -25.69
CA LEU B 66 -10.77 -12.43 -24.40
C LEU B 66 -11.20 -13.90 -24.53
N PHE B 67 -12.35 -14.17 -25.14
CA PHE B 67 -12.80 -15.54 -25.30
C PHE B 67 -13.95 -15.65 -26.28
N ASP B 68 -14.32 -16.87 -26.62
CA ASP B 68 -15.44 -17.12 -27.53
C ASP B 68 -16.66 -17.46 -26.69
N TRP B 69 -17.68 -16.60 -26.75
CA TRP B 69 -18.90 -16.81 -26.00
C TRP B 69 -19.75 -17.79 -26.82
N THR B 70 -19.86 -19.02 -26.32
CA THR B 70 -20.60 -20.08 -26.98
C THR B 70 -21.77 -20.58 -26.12
N THR B 71 -22.71 -21.27 -26.75
CA THR B 71 -23.90 -21.78 -26.06
C THR B 71 -23.67 -22.76 -24.93
N ASP B 72 -22.53 -23.43 -24.95
CA ASP B 72 -22.22 -24.42 -23.93
C ASP B 72 -21.58 -23.87 -22.65
N LYS B 73 -21.19 -22.60 -22.68
CA LYS B 73 -20.60 -21.98 -21.50
C LYS B 73 -21.77 -21.53 -20.61
N PRO B 74 -21.87 -22.12 -19.42
CA PRO B 74 -22.89 -21.90 -18.40
C PRO B 74 -22.63 -20.73 -17.48
N PHE B 75 -23.65 -20.42 -16.67
CA PHE B 75 -23.55 -19.37 -15.69
C PHE B 75 -22.31 -19.64 -14.86
N GLY B 76 -21.52 -18.61 -14.60
CA GLY B 76 -20.32 -18.79 -13.79
C GLY B 76 -19.05 -18.89 -14.58
N TYR B 77 -19.18 -19.23 -15.86
CA TYR B 77 -18.01 -19.33 -16.73
C TYR B 77 -17.35 -17.95 -16.67
N LEU B 78 -16.04 -17.93 -16.44
CA LEU B 78 -15.38 -16.65 -16.28
C LEU B 78 -13.99 -16.58 -16.88
N THR B 79 -13.71 -15.47 -17.56
CA THR B 79 -12.40 -15.21 -18.16
C THR B 79 -11.85 -13.96 -17.48
N LYS B 80 -10.57 -13.97 -17.13
CA LYS B 80 -9.94 -12.83 -16.48
C LYS B 80 -8.70 -12.37 -17.23
N LEU B 81 -8.39 -11.10 -17.10
CA LEU B 81 -7.20 -10.50 -17.72
C LEU B 81 -6.58 -9.56 -16.67
N GLU B 82 -5.45 -9.97 -16.11
CA GLU B 82 -4.74 -9.18 -15.11
C GLU B 82 -4.02 -8.04 -15.80
N LEU B 83 -4.17 -6.85 -15.26
CA LEU B 83 -3.57 -5.64 -15.81
C LEU B 83 -2.46 -5.09 -14.92
N PRO B 84 -1.35 -4.64 -15.52
CA PRO B 84 -1.06 -4.61 -16.95
C PRO B 84 -0.76 -5.99 -17.51
N THR B 85 -1.01 -6.15 -18.79
CA THR B 85 -0.73 -7.41 -19.47
C THR B 85 0.45 -7.16 -20.39
N ASP B 86 0.86 -8.17 -21.14
CA ASP B 86 1.97 -8.01 -22.07
C ASP B 86 1.65 -6.90 -23.05
N HIS B 87 2.61 -5.99 -23.20
CA HIS B 87 2.43 -4.84 -24.07
C HIS B 87 3.71 -4.62 -24.86
N HIS B 88 3.56 -4.43 -26.16
CA HIS B 88 4.70 -4.25 -27.04
C HIS B 88 4.84 -2.85 -27.64
N GLY B 89 4.16 -1.89 -27.01
CA GLY B 89 4.19 -0.50 -27.44
C GLY B 89 4.95 0.33 -26.45
N VAL B 90 4.68 1.64 -26.38
CA VAL B 90 5.43 2.48 -25.47
C VAL B 90 5.17 2.16 -24.00
N PHE B 91 3.96 1.70 -23.69
CA PHE B 91 3.65 1.36 -22.30
C PHE B 91 4.52 0.19 -21.85
N GLY B 92 4.67 -0.81 -22.71
CA GLY B 92 5.51 -1.95 -22.37
C GLY B 92 6.96 -1.54 -22.12
N HIS B 93 7.46 -0.62 -22.94
CA HIS B 93 8.83 -0.14 -22.78
C HIS B 93 8.99 0.57 -21.44
N LEU B 94 7.98 1.34 -21.07
CA LEU B 94 7.99 2.07 -19.80
C LEU B 94 8.24 1.10 -18.64
N VAL B 95 7.57 -0.05 -18.67
CA VAL B 95 7.70 -1.07 -17.62
C VAL B 95 9.13 -1.63 -17.48
N ASP B 96 9.87 -1.65 -18.59
CA ASP B 96 11.24 -2.17 -18.57
C ASP B 96 12.25 -1.06 -18.31
N SER B 97 11.81 0.19 -18.45
CA SER B 97 12.71 1.33 -18.28
C SER B 97 12.63 2.08 -16.97
N TYR B 98 11.55 1.91 -16.23
CA TYR B 98 11.41 2.60 -14.96
C TYR B 98 11.11 1.65 -13.83
N ALA B 99 11.65 1.95 -12.67
CA ALA B 99 11.45 1.12 -11.50
C ALA B 99 10.01 1.17 -10.96
N TYR B 100 9.36 2.33 -11.05
CA TYR B 100 7.99 2.48 -10.54
C TYR B 100 7.03 3.16 -11.49
N MET B 101 5.75 2.79 -11.39
CA MET B 101 4.72 3.34 -12.25
C MET B 101 3.35 3.33 -11.61
N ARG B 102 2.45 4.11 -12.21
CA ARG B 102 1.07 4.15 -11.79
C ARG B 102 0.27 4.67 -12.97
N ASN B 103 -0.96 4.20 -13.07
CA ASN B 103 -1.87 4.61 -14.14
C ASN B 103 -3.21 3.96 -13.86
N GLY B 104 -4.26 4.48 -14.48
CA GLY B 104 -5.59 3.92 -14.34
C GLY B 104 -5.90 3.20 -15.63
N TRP B 105 -7.16 2.83 -15.84
CA TRP B 105 -7.53 2.13 -17.05
C TRP B 105 -8.87 2.59 -17.61
N ASP B 106 -8.91 2.73 -18.93
CA ASP B 106 -10.14 3.08 -19.62
C ASP B 106 -10.39 1.79 -20.44
N VAL B 107 -11.42 1.04 -20.05
CA VAL B 107 -11.73 -0.25 -20.64
C VAL B 107 -13.01 -0.33 -21.44
N GLU B 108 -12.89 -0.88 -22.63
CA GLU B 108 -14.04 -1.06 -23.52
C GLU B 108 -14.04 -2.55 -23.91
N VAL B 109 -15.17 -3.22 -23.74
CA VAL B 109 -15.29 -4.62 -24.09
C VAL B 109 -16.47 -4.76 -25.04
N SER B 110 -16.38 -5.32 -26.25
CA SER B 110 -17.30 -5.56 -27.35
C SER B 110 -17.65 -7.04 -27.48
N ALA B 111 -18.85 -7.48 -27.56
CA ALA B 111 -19.29 -8.83 -27.80
C ALA B 111 -20.30 -8.71 -28.92
N VAL B 112 -19.83 -8.65 -30.16
CA VAL B 112 -20.76 -8.51 -31.27
C VAL B 112 -21.27 -9.79 -31.93
N GLY B 113 -22.59 -9.95 -31.86
CA GLY B 113 -23.31 -11.04 -32.48
C GLY B 113 -24.40 -10.26 -33.19
N ASN B 114 -25.66 -10.58 -32.94
CA ASN B 114 -26.73 -9.77 -33.51
C ASN B 114 -27.92 -9.65 -32.57
N GLN B 115 -28.94 -8.90 -32.96
CA GLN B 115 -30.08 -8.72 -32.08
C GLN B 115 -30.96 -9.95 -31.87
N PHE B 116 -30.68 -11.04 -32.58
CA PHE B 116 -31.47 -12.26 -32.43
C PHE B 116 -30.84 -13.28 -31.47
N ASN B 117 -29.73 -12.88 -30.85
CA ASN B 117 -29.05 -13.70 -29.85
C ASN B 117 -29.64 -13.28 -28.50
N GLY B 118 -29.47 -14.13 -27.50
CA GLY B 118 -29.96 -13.84 -26.16
C GLY B 118 -28.83 -14.16 -25.20
N GLY B 119 -29.05 -13.89 -23.92
CA GLY B 119 -28.02 -14.16 -22.92
C GLY B 119 -27.48 -12.85 -22.36
N CYS B 120 -26.55 -12.95 -21.41
CA CYS B 120 -26.02 -11.77 -20.77
C CYS B 120 -24.65 -12.02 -20.16
N LEU B 121 -23.72 -11.09 -20.41
CA LEU B 121 -22.38 -11.16 -19.86
C LEU B 121 -22.21 -10.05 -18.83
N LEU B 122 -21.52 -10.35 -17.74
CA LEU B 122 -21.24 -9.36 -16.73
C LEU B 122 -19.76 -8.98 -16.92
N VAL B 123 -19.49 -7.72 -17.23
CA VAL B 123 -18.08 -7.29 -17.34
C VAL B 123 -17.78 -6.37 -16.16
N ALA B 124 -16.74 -6.73 -15.40
CA ALA B 124 -16.35 -6.01 -14.20
C ALA B 124 -14.84 -5.80 -14.04
N MET B 125 -14.48 -4.82 -13.22
CA MET B 125 -13.07 -4.52 -12.91
C MET B 125 -12.89 -4.80 -11.43
N VAL B 126 -11.96 -5.70 -11.11
CA VAL B 126 -11.73 -6.12 -9.74
C VAL B 126 -10.35 -5.74 -9.21
N PRO B 127 -10.31 -5.07 -8.05
CA PRO B 127 -9.03 -4.68 -7.44
C PRO B 127 -8.51 -5.84 -6.60
N GLU B 128 -7.22 -6.16 -6.68
CA GLU B 128 -6.63 -7.27 -5.93
C GLU B 128 -7.37 -8.61 -6.14
N TRP B 129 -7.23 -9.20 -7.32
CA TRP B 129 -7.91 -10.47 -7.64
C TRP B 129 -7.61 -11.68 -6.76
N LYS B 130 -8.63 -12.53 -6.63
CA LYS B 130 -8.58 -13.77 -5.86
C LYS B 130 -9.57 -14.68 -6.58
N ALA B 131 -9.26 -15.97 -6.72
CA ALA B 131 -10.18 -16.88 -7.39
C ALA B 131 -11.45 -16.99 -6.55
N PHE B 132 -12.58 -16.58 -7.14
CA PHE B 132 -13.86 -16.59 -6.46
C PHE B 132 -14.63 -17.92 -6.49
N ASP B 133 -15.28 -18.26 -5.37
CA ASP B 133 -16.13 -19.45 -5.22
C ASP B 133 -17.28 -19.25 -6.18
N THR B 134 -18.08 -20.28 -6.36
CA THR B 134 -19.20 -20.12 -7.25
C THR B 134 -20.27 -19.33 -6.48
N ARG B 135 -20.24 -19.40 -5.16
CA ARG B 135 -21.22 -18.65 -4.36
C ARG B 135 -20.86 -17.16 -4.37
N GLU B 136 -19.56 -16.85 -4.37
CA GLU B 136 -19.13 -15.46 -4.39
C GLU B 136 -19.45 -14.79 -5.72
N LYS B 137 -19.62 -15.59 -6.76
CA LYS B 137 -19.91 -15.08 -8.10
C LYS B 137 -21.26 -14.38 -8.21
N TYR B 138 -22.11 -14.57 -7.20
CA TYR B 138 -23.42 -13.94 -7.17
C TYR B 138 -23.34 -12.49 -6.69
N GLN B 139 -22.17 -12.12 -6.15
CA GLN B 139 -21.96 -10.77 -5.63
C GLN B 139 -20.89 -9.97 -6.36
N LEU B 140 -20.53 -10.40 -7.57
CA LEU B 140 -19.51 -9.72 -8.36
C LEU B 140 -19.92 -8.32 -8.76
N THR B 141 -21.21 -8.02 -8.62
CA THR B 141 -21.73 -6.70 -8.94
C THR B 141 -21.35 -5.66 -7.89
N LEU B 142 -20.64 -6.10 -6.84
CA LEU B 142 -20.15 -5.21 -5.80
C LEU B 142 -18.94 -4.45 -6.36
N PHE B 143 -18.44 -4.88 -7.51
CA PHE B 143 -17.30 -4.25 -8.17
C PHE B 143 -17.77 -3.43 -9.35
N PRO B 144 -16.98 -2.43 -9.78
CA PRO B 144 -17.36 -1.59 -10.92
C PRO B 144 -17.70 -2.52 -12.09
N HIS B 145 -18.90 -2.38 -12.65
CA HIS B 145 -19.31 -3.24 -13.74
C HIS B 145 -20.34 -2.65 -14.69
N GLN B 146 -20.70 -3.48 -15.66
CA GLN B 146 -21.69 -3.18 -16.67
C GLN B 146 -22.07 -4.52 -17.32
N PHE B 147 -23.21 -4.58 -18.00
CA PHE B 147 -23.62 -5.83 -18.64
C PHE B 147 -23.65 -5.70 -20.13
N ILE B 148 -23.57 -6.85 -20.82
CA ILE B 148 -23.69 -6.89 -22.26
C ILE B 148 -24.76 -7.95 -22.56
N SER B 149 -25.87 -7.49 -23.13
CA SER B 149 -26.99 -8.38 -23.52
C SER B 149 -27.30 -8.01 -24.96
N PRO B 150 -27.18 -8.98 -25.88
CA PRO B 150 -27.44 -8.77 -27.31
C PRO B 150 -28.68 -7.96 -27.68
N ARG B 151 -29.74 -8.07 -26.88
CA ARG B 151 -30.98 -7.34 -27.16
C ARG B 151 -30.83 -5.84 -26.96
N THR B 152 -29.77 -5.45 -26.24
CA THR B 152 -29.55 -4.05 -25.93
C THR B 152 -28.24 -3.45 -26.40
N ASN B 153 -27.12 -4.09 -26.08
CA ASN B 153 -25.84 -3.52 -26.47
C ASN B 153 -24.77 -4.53 -26.89
N MET B 154 -23.72 -4.01 -27.53
CA MET B 154 -22.59 -4.83 -27.96
C MET B 154 -21.32 -4.36 -27.24
N THR B 155 -21.39 -3.22 -26.59
CA THR B 155 -20.23 -2.65 -25.90
C THR B 155 -20.46 -2.33 -24.45
N ALA B 156 -19.45 -2.59 -23.62
CA ALA B 156 -19.46 -2.29 -22.19
C ALA B 156 -18.26 -1.35 -22.02
N HIS B 157 -18.37 -0.38 -21.12
CA HIS B 157 -17.29 0.59 -20.93
C HIS B 157 -17.14 0.95 -19.45
N ILE B 158 -15.94 0.71 -18.92
CA ILE B 158 -15.64 0.99 -17.52
C ILE B 158 -14.35 1.78 -17.41
N THR B 159 -14.34 2.75 -16.50
CA THR B 159 -13.17 3.59 -16.29
C THR B 159 -12.82 3.58 -14.81
N VAL B 160 -11.59 3.18 -14.49
CA VAL B 160 -11.15 3.10 -13.11
C VAL B 160 -9.81 3.79 -12.87
N PRO B 161 -9.60 4.29 -11.64
CA PRO B 161 -8.38 4.98 -11.24
C PRO B 161 -7.34 4.03 -10.70
N TYR B 162 -6.14 4.52 -10.51
CA TYR B 162 -5.07 3.72 -9.93
C TYR B 162 -5.34 3.59 -8.43
N LEU B 163 -5.03 2.44 -7.86
CA LEU B 163 -5.18 2.25 -6.42
C LEU B 163 -4.19 1.24 -5.89
N GLY B 164 -4.12 1.12 -4.56
CA GLY B 164 -3.22 0.16 -3.96
C GLY B 164 -2.56 0.66 -2.69
N VAL B 165 -2.03 -0.25 -1.89
CA VAL B 165 -1.38 0.11 -0.63
C VAL B 165 -0.20 1.05 -0.88
N ASN B 166 0.39 1.00 -2.08
CA ASN B 166 1.50 1.87 -2.46
C ASN B 166 1.07 2.87 -3.53
N ARG B 167 1.49 4.13 -3.39
CA ARG B 167 1.15 5.20 -4.32
C ARG B 167 1.71 4.94 -5.72
N TYR B 168 2.81 4.21 -5.79
CA TYR B 168 3.42 3.81 -7.06
C TYR B 168 3.64 2.31 -6.96
N ASP B 169 3.76 1.64 -8.10
CA ASP B 169 3.89 0.20 -8.09
C ASP B 169 5.02 -0.34 -8.94
N GLN B 170 5.26 -1.62 -8.77
CA GLN B 170 6.25 -2.38 -9.53
C GLN B 170 5.40 -3.46 -10.17
N TYR B 171 4.91 -3.16 -11.37
CA TYR B 171 4.03 -4.07 -12.10
C TYR B 171 4.62 -5.44 -12.38
N LYS B 172 5.94 -5.56 -12.26
CA LYS B 172 6.57 -6.85 -12.50
C LYS B 172 6.34 -7.76 -11.27
N LYS B 173 5.95 -7.17 -10.15
CA LYS B 173 5.69 -7.89 -8.90
C LYS B 173 4.24 -7.83 -8.41
N HIS B 174 3.44 -6.94 -8.98
CA HIS B 174 2.06 -6.78 -8.51
C HIS B 174 1.16 -6.17 -9.59
N LYS B 175 -0.05 -6.70 -9.70
CA LYS B 175 -1.05 -6.24 -10.67
C LYS B 175 -2.33 -5.88 -9.92
N PRO B 176 -2.54 -4.58 -9.65
CA PRO B 176 -3.73 -4.09 -8.92
C PRO B 176 -5.10 -4.35 -9.52
N TRP B 177 -5.24 -4.21 -10.83
CA TRP B 177 -6.54 -4.40 -11.47
C TRP B 177 -6.61 -5.62 -12.35
N THR B 178 -7.80 -6.20 -12.43
CA THR B 178 -8.00 -7.33 -13.29
C THR B 178 -9.42 -7.32 -13.86
N LEU B 179 -9.48 -7.32 -15.19
CA LEU B 179 -10.73 -7.30 -15.94
C LEU B 179 -11.36 -8.68 -15.98
N VAL B 180 -12.63 -8.79 -15.62
CA VAL B 180 -13.30 -10.08 -15.67
C VAL B 180 -14.60 -10.01 -16.46
N VAL B 181 -14.85 -11.04 -17.27
CA VAL B 181 -16.07 -11.15 -18.06
C VAL B 181 -16.64 -12.51 -17.69
N MET B 182 -17.83 -12.52 -17.12
CA MET B 182 -18.48 -13.74 -16.67
C MET B 182 -19.82 -13.94 -17.34
N VAL B 183 -20.14 -15.19 -17.66
CA VAL B 183 -21.41 -15.51 -18.28
C VAL B 183 -22.43 -15.48 -17.16
N LEU B 184 -23.45 -14.65 -17.32
CA LEU B 184 -24.50 -14.52 -16.33
C LEU B 184 -25.66 -15.41 -16.75
N SER B 185 -26.02 -15.33 -18.03
CA SER B 185 -27.07 -16.16 -18.60
C SER B 185 -26.50 -16.62 -19.95
N PRO B 186 -26.45 -17.93 -20.18
CA PRO B 186 -25.92 -18.55 -21.41
C PRO B 186 -26.36 -17.98 -22.75
N LEU B 187 -25.46 -17.99 -23.72
CA LEU B 187 -25.81 -17.49 -25.04
C LEU B 187 -26.90 -18.34 -25.68
N THR B 188 -27.89 -17.70 -26.29
CA THR B 188 -28.94 -18.44 -26.99
C THR B 188 -28.83 -18.09 -28.48
N VAL B 189 -29.00 -19.09 -29.34
CA VAL B 189 -28.93 -18.87 -30.79
C VAL B 189 -30.18 -19.41 -31.47
N SER B 190 -30.41 -18.94 -32.69
CA SER B 190 -31.53 -19.39 -33.49
C SER B 190 -31.04 -19.35 -34.93
N ASN B 191 -31.94 -19.58 -35.88
CA ASN B 191 -31.57 -19.57 -37.29
C ASN B 191 -31.14 -18.20 -37.77
N THR B 192 -31.73 -17.18 -37.16
CA THR B 192 -31.45 -15.80 -37.53
C THR B 192 -30.32 -15.15 -36.73
N ALA B 193 -29.81 -15.86 -35.73
CA ALA B 193 -28.75 -15.33 -34.88
C ALA B 193 -27.34 -15.74 -35.25
N ALA B 194 -26.37 -15.04 -34.68
CA ALA B 194 -24.97 -15.35 -34.89
C ALA B 194 -24.78 -16.62 -34.08
N PRO B 195 -24.05 -17.60 -34.62
CA PRO B 195 -23.79 -18.88 -33.94
C PRO B 195 -22.93 -18.83 -32.68
N GLN B 196 -22.05 -17.84 -32.62
CA GLN B 196 -21.17 -17.63 -31.46
C GLN B 196 -20.73 -16.17 -31.46
N ILE B 197 -20.23 -15.69 -30.32
CA ILE B 197 -19.79 -14.31 -30.24
C ILE B 197 -18.38 -14.22 -29.67
N LYS B 198 -17.47 -13.62 -30.42
CA LYS B 198 -16.09 -13.46 -29.94
C LYS B 198 -16.06 -12.19 -29.09
N VAL B 199 -15.39 -12.25 -27.96
CA VAL B 199 -15.32 -11.12 -27.05
C VAL B 199 -13.94 -10.48 -27.05
N TYR B 200 -13.88 -9.19 -27.37
CA TYR B 200 -12.62 -8.45 -27.42
C TYR B 200 -12.57 -7.27 -26.44
N ALA B 201 -11.35 -6.91 -26.06
CA ALA B 201 -11.11 -5.79 -25.16
C ALA B 201 -10.28 -4.73 -25.86
N ASN B 202 -10.63 -3.48 -25.63
CA ASN B 202 -9.92 -2.34 -26.20
C ASN B 202 -9.58 -1.55 -24.93
N ILE B 203 -8.32 -1.60 -24.54
CA ILE B 203 -7.87 -0.97 -23.30
C ILE B 203 -6.85 0.16 -23.48
N ALA B 204 -6.94 1.17 -22.62
CA ALA B 204 -6.01 2.30 -22.67
C ALA B 204 -5.58 2.70 -21.27
N PRO B 205 -4.27 2.76 -21.02
CA PRO B 205 -3.85 3.15 -19.66
C PRO B 205 -4.05 4.67 -19.57
N THR B 206 -4.46 5.15 -18.39
CA THR B 206 -4.69 6.59 -18.19
C THR B 206 -3.74 7.19 -17.15
N TYR B 207 -3.45 8.48 -17.29
CA TYR B 207 -2.56 9.21 -16.36
C TYR B 207 -1.32 8.43 -16.02
N VAL B 208 -0.58 8.05 -17.05
CA VAL B 208 0.63 7.27 -16.88
C VAL B 208 1.80 8.07 -16.31
N HIS B 209 2.26 7.65 -15.14
CA HIS B 209 3.40 8.28 -14.46
C HIS B 209 4.46 7.25 -14.12
N VAL B 210 5.72 7.64 -14.33
CA VAL B 210 6.88 6.78 -14.06
C VAL B 210 7.89 7.48 -13.17
N ALA B 211 8.68 6.69 -12.46
CA ALA B 211 9.73 7.23 -11.59
C ALA B 211 10.82 6.19 -11.45
N GLY B 212 12.07 6.66 -11.35
CA GLY B 212 13.22 5.78 -11.20
C GLY B 212 13.78 5.17 -12.46
N GLU B 213 14.47 5.97 -13.26
CA GLU B 213 15.10 5.53 -14.51
C GLU B 213 16.03 4.34 -14.26
N LEU B 214 15.87 3.28 -15.05
CA LEU B 214 16.72 2.10 -14.92
C LEU B 214 17.90 2.14 -15.89
N PRO B 215 19.01 1.45 -15.56
CA PRO B 215 20.18 1.42 -16.45
C PRO B 215 19.88 0.64 -17.73
N SER B 216 20.71 0.82 -18.76
CA SER B 216 20.52 0.11 -20.02
C SER B 216 21.10 -1.31 -19.95
N LYS B 217 20.63 -2.18 -20.84
CA LYS B 217 21.08 -3.57 -20.89
C LYS B 217 22.46 -3.64 -21.54
N GLU B 218 22.73 -2.70 -22.45
CA GLU B 218 24.01 -2.60 -23.17
C GLU B 218 24.33 -3.89 -23.94
N GLY C 1 -21.97 10.01 51.87
CA GLY C 1 -21.34 8.84 51.20
C GLY C 1 -20.06 9.31 50.59
N ILE C 2 -19.40 8.47 49.79
CA ILE C 2 -18.17 8.85 49.14
C ILE C 2 -18.30 8.58 47.63
N PHE C 3 -17.31 9.03 46.88
CA PHE C 3 -17.30 8.87 45.43
C PHE C 3 -17.05 7.42 45.02
N PRO C 4 -17.99 6.81 44.27
CA PRO C 4 -17.91 5.42 43.80
C PRO C 4 -16.87 5.39 42.69
N VAL C 5 -16.20 4.26 42.52
CA VAL C 5 -15.17 4.19 41.51
C VAL C 5 -15.05 2.74 41.05
N ALA C 6 -14.80 2.55 39.77
CA ALA C 6 -14.64 1.22 39.20
C ALA C 6 -13.16 1.00 38.88
N CYS C 7 -12.50 0.14 39.65
CA CYS C 7 -11.08 -0.17 39.41
C CYS C 7 -11.05 -1.16 38.22
N ALA C 8 -10.68 -0.64 37.06
CA ALA C 8 -10.68 -1.38 35.79
C ALA C 8 -9.60 -2.41 35.50
N ASP C 9 -10.03 -3.59 35.09
CA ASP C 9 -9.11 -4.68 34.77
C ASP C 9 -8.41 -4.46 33.46
N GLY C 10 -7.10 -4.71 33.47
CA GLY C 10 -6.32 -4.56 32.26
C GLY C 10 -5.58 -3.25 32.24
N TYR C 11 -5.83 -2.39 33.24
CA TYR C 11 -5.18 -1.08 33.38
C TYR C 11 -4.36 -1.04 34.67
N GLY C 12 -3.33 -0.20 34.69
CA GLY C 12 -2.53 -0.03 35.90
C GLY C 12 -1.11 -0.54 35.89
N GLY C 13 -0.83 -1.44 34.98
CA GLY C 13 0.51 -2.01 34.91
C GLY C 13 1.58 -1.05 34.41
N LEU C 14 2.81 -1.28 34.86
CA LEU C 14 3.95 -0.48 34.46
C LEU C 14 4.31 -0.85 33.05
N VAL C 15 4.46 0.16 32.19
CA VAL C 15 4.90 -0.03 30.82
C VAL C 15 6.14 0.85 30.77
N THR C 16 7.28 0.27 30.41
CA THR C 16 8.56 0.99 30.37
C THR C 16 8.64 2.26 29.54
N THR C 17 7.67 2.46 28.67
CA THR C 17 7.63 3.67 27.85
C THR C 17 6.37 4.49 28.16
N ASP C 18 5.75 4.27 29.30
CA ASP C 18 4.51 4.99 29.60
C ASP C 18 4.63 6.49 29.68
N PRO C 19 3.54 7.20 29.38
CA PRO C 19 3.53 8.66 29.40
C PRO C 19 3.19 9.37 30.73
N LYS C 20 3.40 8.69 31.85
CA LYS C 20 3.11 9.25 33.18
C LYS C 20 4.41 9.56 33.90
N THR C 21 4.29 10.14 35.09
CA THR C 21 5.46 10.44 35.91
C THR C 21 5.27 9.87 37.31
N ALA C 22 6.38 9.57 37.96
CA ALA C 22 6.37 9.02 39.30
C ALA C 22 6.06 10.10 40.33
N ASP C 23 5.83 9.68 41.58
CA ASP C 23 5.56 10.59 42.68
C ASP C 23 6.90 10.92 43.30
N PRO C 24 7.09 12.20 43.68
CA PRO C 24 8.33 12.69 44.27
C PRO C 24 8.41 12.40 45.76
N VAL C 25 9.62 12.41 46.31
CA VAL C 25 9.81 12.12 47.74
C VAL C 25 10.85 13.00 48.41
N TYR C 26 11.61 13.76 47.64
CA TYR C 26 12.68 14.60 48.19
C TYR C 26 12.66 15.96 47.46
N GLY C 27 11.95 16.92 48.05
CA GLY C 27 11.81 18.22 47.40
C GLY C 27 12.75 19.38 47.68
N LYS C 28 12.55 20.44 46.91
CA LYS C 28 13.33 21.67 47.01
C LYS C 28 14.81 21.63 46.72
N VAL C 29 15.22 20.93 45.67
CA VAL C 29 16.64 20.92 45.32
C VAL C 29 16.87 21.79 44.09
N TYR C 30 17.79 22.74 44.27
CA TYR C 30 18.17 23.68 43.25
C TYR C 30 19.52 23.28 42.70
N ASN C 31 19.61 23.18 41.38
CA ASN C 31 20.83 22.75 40.71
C ASN C 31 21.84 23.86 40.46
N PRO C 32 23.11 23.49 40.37
CA PRO C 32 24.18 24.46 40.09
C PRO C 32 23.81 25.01 38.70
N PRO C 33 24.08 26.28 38.43
CA PRO C 33 23.70 26.74 37.09
C PRO C 33 24.56 26.17 35.95
N LYS C 34 23.89 25.86 34.85
CA LYS C 34 24.56 25.33 33.67
C LYS C 34 24.19 26.18 32.45
N THR C 35 23.89 27.45 32.73
CA THR C 35 23.52 28.43 31.72
C THR C 35 24.56 28.50 30.60
N ASN C 36 24.10 28.40 29.35
CA ASN C 36 25.01 28.48 28.21
C ASN C 36 26.16 27.47 28.12
N TYR C 37 25.94 26.25 28.61
CA TYR C 37 26.99 25.24 28.52
C TYR C 37 27.11 24.95 27.01
N PRO C 38 28.35 24.91 26.48
CA PRO C 38 28.57 24.66 25.05
C PRO C 38 28.34 23.25 24.49
N GLY C 39 28.13 23.19 23.18
CA GLY C 39 27.96 21.94 22.47
C GLY C 39 26.65 21.17 22.60
N ARG C 40 25.59 21.85 22.99
CA ARG C 40 24.32 21.17 23.15
C ARG C 40 23.66 20.77 21.83
N PHE C 41 22.98 19.62 21.85
CA PHE C 41 22.21 19.14 20.69
C PHE C 41 20.88 18.59 21.20
N THR C 42 19.81 18.95 20.51
CA THR C 42 18.47 18.54 20.90
C THR C 42 17.79 17.52 19.98
N ASN C 43 18.34 17.34 18.78
CA ASN C 43 17.81 16.34 17.85
C ASN C 43 18.99 15.64 17.18
N LEU C 44 18.96 14.31 17.21
CA LEU C 44 20.00 13.49 16.62
C LEU C 44 20.27 13.84 15.16
N LEU C 45 19.22 14.22 14.43
CA LEU C 45 19.38 14.55 13.01
C LEU C 45 20.07 15.89 12.71
N ASP C 46 20.22 16.76 13.71
CA ASP C 46 20.92 18.03 13.48
C ASP C 46 22.39 17.70 13.33
N VAL C 47 22.92 16.90 14.27
CA VAL C 47 24.32 16.49 14.19
C VAL C 47 24.57 15.54 12.98
N ALA C 48 23.57 14.72 12.62
CA ALA C 48 23.68 13.81 11.48
C ALA C 48 23.73 14.57 10.16
N GLU C 49 23.23 15.80 10.19
CA GLU C 49 23.24 16.64 9.00
C GLU C 49 24.53 17.43 8.93
N ALA C 50 24.94 17.97 10.07
CA ALA C 50 26.13 18.81 10.14
C ALA C 50 27.46 18.10 10.14
N CYS C 51 27.49 16.88 10.60
CA CYS C 51 28.76 16.15 10.70
C CYS C 51 28.83 14.88 9.90
N PRO C 52 29.25 14.95 8.63
CA PRO C 52 29.32 13.70 7.86
C PRO C 52 30.46 12.80 8.33
N THR C 53 30.19 11.50 8.38
CA THR C 53 31.20 10.53 8.79
C THR C 53 31.53 9.62 7.61
N PHE C 54 32.65 8.91 7.69
CA PHE C 54 33.11 8.08 6.57
C PHE C 54 32.56 6.72 6.26
N LEU C 55 32.51 6.42 4.96
CA LEU C 55 32.07 5.11 4.51
C LEU C 55 33.27 4.17 4.59
N ARG C 56 33.02 2.87 4.51
CA ARG C 56 34.09 1.89 4.60
C ARG C 56 34.22 1.12 3.30
N PHE C 57 35.41 1.16 2.72
CA PHE C 57 35.68 0.47 1.47
C PHE C 57 36.78 -0.57 1.58
N ASP C 58 36.87 -1.41 0.54
CA ASP C 58 37.89 -2.45 0.42
C ASP C 58 38.38 -3.08 1.71
N ASP C 59 39.66 -2.90 2.03
CA ASP C 59 40.21 -3.51 3.25
C ASP C 59 40.09 -2.69 4.54
N GLY C 60 39.11 -1.77 4.58
CA GLY C 60 38.91 -0.93 5.74
C GLY C 60 39.56 0.43 5.59
N LYS C 61 39.16 1.15 4.55
CA LYS C 61 39.69 2.48 4.29
C LYS C 61 38.49 3.38 4.04
N PRO C 62 38.58 4.66 4.45
CA PRO C 62 37.49 5.63 4.27
C PRO C 62 37.54 6.23 2.87
N TYR C 63 38.31 5.61 1.99
CA TYR C 63 38.45 6.10 0.63
C TYR C 63 38.49 5.00 -0.42
N VAL C 64 38.42 5.46 -1.66
CA VAL C 64 38.43 4.62 -2.83
C VAL C 64 39.69 5.07 -3.62
N VAL C 65 40.39 4.12 -4.23
CA VAL C 65 41.63 4.44 -4.96
C VAL C 65 41.46 4.42 -6.46
N THR C 66 42.07 5.38 -7.17
CA THR C 66 41.92 5.41 -8.62
C THR C 66 42.58 4.20 -9.26
N ARG C 67 41.83 3.50 -10.09
CA ARG C 67 42.28 2.29 -10.76
C ARG C 67 43.31 2.57 -11.84
N ALA C 68 44.39 1.79 -11.87
CA ALA C 68 45.42 1.95 -12.88
C ALA C 68 45.05 1.20 -14.18
N ASP C 69 44.21 0.17 -14.05
CA ASP C 69 43.75 -0.65 -15.18
C ASP C 69 42.55 -0.07 -15.95
N ASP C 70 41.93 -0.90 -16.78
CA ASP C 70 40.79 -0.45 -17.59
C ASP C 70 39.40 -0.75 -17.02
N THR C 71 39.35 -0.99 -15.71
CA THR C 71 38.10 -1.21 -15.00
C THR C 71 37.70 0.16 -14.44
N ARG C 72 36.46 0.57 -14.70
CA ARG C 72 36.01 1.90 -14.25
C ARG C 72 35.11 2.03 -13.03
N LEU C 73 34.62 0.89 -12.52
CA LEU C 73 33.78 0.91 -11.33
C LEU C 73 34.71 1.00 -10.12
N LEU C 74 34.59 2.08 -9.37
CA LEU C 74 35.40 2.30 -8.17
C LEU C 74 34.77 1.66 -6.94
N ALA C 75 33.44 1.71 -6.88
CA ALA C 75 32.71 1.15 -5.75
C ALA C 75 31.24 0.97 -6.10
N LYS C 76 30.62 0.06 -5.39
CA LYS C 76 29.21 -0.24 -5.57
C LYS C 76 28.71 -0.66 -4.18
N PHE C 77 27.60 -0.09 -3.75
CA PHE C 77 27.05 -0.45 -2.46
C PHE C 77 25.53 -0.31 -2.40
N ASP C 78 24.95 -1.07 -1.47
CA ASP C 78 23.52 -1.09 -1.25
C ASP C 78 23.08 0.20 -0.61
N VAL C 79 21.97 0.74 -1.11
CA VAL C 79 21.41 1.94 -0.50
C VAL C 79 20.66 1.32 0.69
N SER C 80 21.38 1.12 1.79
CA SER C 80 20.82 0.53 3.00
C SER C 80 21.57 1.02 4.21
N LEU C 81 20.86 1.41 5.27
CA LEU C 81 21.52 1.87 6.48
C LEU C 81 22.26 0.69 7.13
N ALA C 82 21.96 -0.53 6.67
CA ALA C 82 22.60 -1.75 7.16
C ALA C 82 23.71 -2.26 6.23
N ALA C 83 24.08 -1.45 5.24
CA ALA C 83 25.12 -1.84 4.31
C ALA C 83 26.48 -1.89 4.97
N LYS C 84 27.32 -2.80 4.51
CA LYS C 84 28.66 -2.94 5.05
C LYS C 84 29.42 -1.63 4.96
N HIS C 85 29.29 -0.94 3.83
CA HIS C 85 29.97 0.33 3.59
C HIS C 85 29.54 1.48 4.48
N MET C 86 28.33 1.38 5.02
CA MET C 86 27.79 2.41 5.91
C MET C 86 27.96 2.02 7.37
N SER C 87 28.42 0.81 7.61
CA SER C 87 28.54 0.29 8.96
C SER C 87 29.31 1.08 10.00
N ASN C 88 30.15 2.01 9.57
CA ASN C 88 30.91 2.81 10.54
C ASN C 88 30.47 4.25 10.63
N THR C 89 29.39 4.59 9.91
CA THR C 89 28.89 5.95 9.92
C THR C 89 28.02 6.22 11.14
N TYR C 90 27.96 7.49 11.49
CA TYR C 90 27.14 7.95 12.60
C TYR C 90 25.67 7.77 12.20
N LEU C 91 25.41 7.97 10.90
CA LEU C 91 24.06 7.84 10.36
C LEU C 91 23.50 6.44 10.65
N SER C 92 24.29 5.40 10.38
CA SER C 92 23.86 4.04 10.64
C SER C 92 23.81 3.75 12.15
N GLY C 93 24.62 4.47 12.90
CA GLY C 93 24.65 4.29 14.35
C GLY C 93 23.32 4.71 14.96
N ILE C 94 22.76 5.79 14.45
CA ILE C 94 21.46 6.27 14.93
C ILE C 94 20.34 5.42 14.34
N ALA C 95 20.43 5.16 13.04
CA ALA C 95 19.39 4.42 12.32
C ALA C 95 19.02 3.05 12.88
N GLN C 96 19.98 2.38 13.52
CA GLN C 96 19.72 1.06 14.08
C GLN C 96 18.66 1.10 15.20
N TYR C 97 18.41 2.29 15.75
CA TYR C 97 17.43 2.42 16.81
C TYR C 97 16.05 2.83 16.35
N TYR C 98 15.83 2.72 15.05
CA TYR C 98 14.55 3.07 14.47
C TYR C 98 14.21 2.02 13.45
N THR C 99 12.92 1.80 13.30
CA THR C 99 12.41 0.80 12.40
C THR C 99 12.23 1.27 10.97
N GLN C 100 11.93 2.54 10.77
CA GLN C 100 11.70 3.05 9.43
C GLN C 100 12.32 4.40 9.18
N TYR C 101 12.61 4.66 7.90
CA TYR C 101 13.19 5.91 7.50
C TYR C 101 12.58 6.36 6.19
N SER C 102 12.90 7.57 5.80
CA SER C 102 12.42 8.15 4.57
C SER C 102 13.27 9.38 4.32
N GLY C 103 13.37 9.80 3.06
CA GLY C 103 14.16 11.00 2.81
C GLY C 103 15.51 10.85 2.16
N THR C 104 16.20 11.98 2.06
CA THR C 104 17.48 12.11 1.40
C THR C 104 18.71 11.80 2.22
N ILE C 105 19.63 11.07 1.60
CA ILE C 105 20.92 10.72 2.21
C ILE C 105 21.96 11.37 1.30
N ASN C 106 22.87 12.14 1.89
CA ASN C 106 23.90 12.82 1.10
C ASN C 106 25.26 12.15 1.19
N LEU C 107 25.90 12.06 0.02
CA LEU C 107 27.23 11.50 -0.16
C LEU C 107 28.18 12.66 -0.48
N HIS C 108 29.39 12.60 0.08
CA HIS C 108 30.40 13.63 -0.14
C HIS C 108 31.67 12.95 -0.65
N PHE C 109 32.25 13.51 -1.70
CA PHE C 109 33.47 12.97 -2.28
C PHE C 109 34.57 14.02 -2.23
N MET C 110 35.61 13.75 -1.47
CA MET C 110 36.72 14.70 -1.36
C MET C 110 37.99 14.12 -1.99
N PHE C 111 38.45 14.74 -3.09
CA PHE C 111 39.65 14.30 -3.79
C PHE C 111 40.88 14.67 -2.98
N THR C 112 41.80 13.73 -2.89
CA THR C 112 43.01 13.86 -2.06
C THR C 112 44.35 13.97 -2.83
N GLY C 113 44.30 13.88 -4.15
CA GLY C 113 45.51 13.93 -4.95
C GLY C 113 46.29 15.22 -4.97
N SER C 114 47.52 15.13 -5.48
CA SER C 114 48.41 16.27 -5.60
C SER C 114 47.88 17.23 -6.65
N THR C 115 48.45 18.43 -6.72
CA THR C 115 48.02 19.42 -7.69
C THR C 115 48.12 18.94 -9.13
N ASP C 116 49.09 18.09 -9.40
CA ASP C 116 49.31 17.57 -10.76
C ASP C 116 48.57 16.27 -11.09
N SER C 117 47.62 15.89 -10.22
CA SER C 117 46.79 14.71 -10.39
C SER C 117 45.38 15.18 -10.73
N LYS C 118 44.85 14.70 -11.84
CA LYS C 118 43.51 15.10 -12.27
C LYS C 118 42.62 13.90 -12.59
N ALA C 119 41.31 14.07 -12.41
CA ALA C 119 40.37 12.99 -12.69
C ALA C 119 38.96 13.47 -12.92
N ARG C 120 38.14 12.58 -13.48
CA ARG C 120 36.74 12.88 -13.74
C ARG C 120 35.91 11.68 -13.24
N TYR C 121 34.98 11.95 -12.33
CA TYR C 121 34.16 10.91 -11.75
C TYR C 121 32.69 11.00 -12.10
N MET C 122 31.95 9.97 -11.68
CA MET C 122 30.52 9.89 -11.93
C MET C 122 29.89 9.07 -10.83
N VAL C 123 28.75 9.52 -10.32
CA VAL C 123 28.05 8.78 -9.30
C VAL C 123 26.62 8.57 -9.82
N ALA C 124 26.09 7.37 -9.64
CA ALA C 124 24.75 7.07 -10.13
C ALA C 124 23.92 6.31 -9.11
N TYR C 125 22.63 6.61 -9.09
CA TYR C 125 21.71 5.90 -8.21
C TYR C 125 20.98 4.88 -9.08
N ILE C 126 21.23 3.59 -8.82
CA ILE C 126 20.58 2.53 -9.60
C ILE C 126 19.35 2.06 -8.82
N PRO C 127 18.15 2.42 -9.30
CA PRO C 127 17.00 1.95 -8.52
C PRO C 127 16.78 0.48 -8.68
N PRO C 128 15.98 -0.03 -7.80
CA PRO C 128 15.65 -1.46 -7.83
C PRO C 128 14.89 -1.84 -9.10
N GLY C 129 15.01 -3.11 -9.53
CA GLY C 129 14.31 -3.55 -10.72
C GLY C 129 15.20 -4.20 -11.76
N VAL C 130 16.50 -4.18 -11.50
CA VAL C 130 17.49 -4.75 -12.39
C VAL C 130 18.19 -5.77 -11.49
N GLU C 131 18.69 -6.87 -12.07
CA GLU C 131 19.32 -7.90 -11.26
C GLU C 131 20.66 -7.59 -10.64
N THR C 132 21.54 -6.94 -11.40
CA THR C 132 22.86 -6.56 -10.88
C THR C 132 23.19 -5.16 -11.38
N PRO C 133 23.93 -4.38 -10.58
CA PRO C 133 24.29 -3.02 -10.97
C PRO C 133 25.25 -3.05 -12.15
N PRO C 134 25.18 -2.04 -13.02
CA PRO C 134 26.05 -1.94 -14.20
C PRO C 134 27.48 -1.58 -13.81
N ASP C 135 28.47 -2.18 -14.46
CA ASP C 135 29.87 -1.85 -14.12
C ASP C 135 30.46 -0.92 -15.16
N THR C 136 29.58 -0.24 -15.87
CA THR C 136 29.98 0.64 -16.95
C THR C 136 29.25 1.98 -16.88
N PRO C 137 30.00 3.10 -17.03
CA PRO C 137 29.39 4.44 -16.99
C PRO C 137 28.34 4.59 -18.10
N GLU C 138 28.60 3.93 -19.23
CA GLU C 138 27.70 3.98 -20.37
C GLU C 138 26.31 3.42 -20.08
N GLU C 139 26.25 2.33 -19.33
CA GLU C 139 24.98 1.70 -18.96
C GLU C 139 24.29 2.48 -17.84
N ALA C 140 25.09 2.97 -16.90
CA ALA C 140 24.59 3.73 -15.76
C ALA C 140 24.14 5.14 -16.11
N ALA C 141 24.52 5.61 -17.30
CA ALA C 141 24.16 6.96 -17.75
C ALA C 141 22.67 7.18 -17.80
N HIS C 142 21.93 6.12 -18.08
CA HIS C 142 20.48 6.20 -18.18
C HIS C 142 19.75 6.40 -16.84
N CYS C 143 20.51 6.29 -15.75
CA CYS C 143 19.96 6.51 -14.43
C CYS C 143 20.21 7.97 -14.04
N ILE C 144 19.74 8.32 -12.84
CA ILE C 144 19.95 9.64 -12.27
C ILE C 144 21.44 9.62 -11.91
N HIS C 145 22.21 10.56 -12.43
CA HIS C 145 23.63 10.58 -12.14
C HIS C 145 24.24 11.96 -12.25
N ALA C 146 25.46 12.08 -11.73
CA ALA C 146 26.19 13.32 -11.77
C ALA C 146 27.66 13.01 -12.05
N GLU C 147 28.26 13.85 -12.88
CA GLU C 147 29.66 13.73 -13.23
C GLU C 147 30.37 14.99 -12.78
N TRP C 148 31.58 14.87 -12.27
CA TRP C 148 32.32 16.05 -11.88
C TRP C 148 33.80 15.82 -12.10
N ASP C 149 34.57 16.90 -12.18
CA ASP C 149 35.98 16.76 -12.34
C ASP C 149 36.74 17.42 -11.20
N THR C 150 38.04 17.23 -11.26
CA THR C 150 38.96 17.73 -10.28
C THR C 150 39.33 19.19 -10.53
N GLY C 151 39.62 19.91 -9.45
CA GLY C 151 40.00 21.32 -9.59
C GLY C 151 40.26 22.01 -8.26
N LEU C 152 40.04 23.31 -8.23
CA LEU C 152 40.25 24.09 -7.00
C LEU C 152 39.41 23.62 -5.81
N ASN C 153 38.16 23.25 -6.06
CA ASN C 153 37.28 22.76 -5.01
C ASN C 153 37.43 21.26 -4.98
N SER C 154 37.85 20.74 -3.82
CA SER C 154 38.12 19.32 -3.64
C SER C 154 36.95 18.42 -3.31
N LYS C 155 35.83 18.99 -2.91
CA LYS C 155 34.68 18.20 -2.51
C LYS C 155 33.47 18.32 -3.44
N PHE C 156 32.72 17.24 -3.58
CA PHE C 156 31.51 17.23 -4.39
C PHE C 156 30.48 16.48 -3.57
N THR C 157 29.25 17.01 -3.53
CA THR C 157 28.17 16.41 -2.76
C THR C 157 27.01 16.05 -3.65
N PHE C 158 26.45 14.87 -3.41
CA PHE C 158 25.35 14.35 -4.20
C PHE C 158 24.27 13.77 -3.29
N SER C 159 23.00 13.99 -3.65
CA SER C 159 21.87 13.51 -2.88
C SER C 159 21.29 12.22 -3.45
N ILE C 160 21.25 11.18 -2.61
CA ILE C 160 20.65 9.92 -3.02
C ILE C 160 19.18 10.17 -2.71
N PRO C 161 18.34 10.15 -3.74
CA PRO C 161 16.91 10.39 -3.54
C PRO C 161 16.14 9.21 -2.99
N TYR C 162 15.06 9.51 -2.27
CA TYR C 162 14.22 8.45 -1.75
C TYR C 162 13.14 8.17 -2.81
N VAL C 163 13.28 7.05 -3.51
CA VAL C 163 12.31 6.65 -4.51
C VAL C 163 11.93 5.20 -4.18
N SER C 164 10.69 5.01 -3.76
CA SER C 164 10.22 3.70 -3.35
C SER C 164 8.72 3.54 -3.56
N ALA C 165 8.22 2.32 -3.38
CA ALA C 165 6.81 2.06 -3.53
C ALA C 165 6.07 2.59 -2.31
N ALA C 166 6.50 2.20 -1.12
CA ALA C 166 5.87 2.67 0.11
C ALA C 166 6.45 4.02 0.56
N ASP C 167 5.74 4.70 1.45
CA ASP C 167 6.17 6.01 1.94
C ASP C 167 7.37 5.94 2.87
N TYR C 168 7.57 4.77 3.44
CA TYR C 168 8.69 4.51 4.35
C TYR C 168 9.37 3.23 3.97
N ALA C 169 10.60 3.13 4.33
CA ALA C 169 11.42 1.95 4.11
C ALA C 169 12.07 1.47 5.40
N TYR C 170 12.30 0.21 5.52
CA TYR C 170 12.91 -0.35 6.71
C TYR C 170 14.38 -0.01 6.77
N THR C 171 14.87 0.24 7.97
CA THR C 171 16.27 0.54 8.16
C THR C 171 17.05 -0.78 8.14
N ALA C 172 16.46 -1.83 8.70
CA ALA C 172 17.07 -3.17 8.77
C ALA C 172 16.76 -3.98 7.53
N SER C 173 17.54 -5.02 7.30
CA SER C 173 17.38 -5.87 6.12
C SER C 173 17.06 -7.30 6.54
N ASP C 174 16.05 -7.89 5.92
CA ASP C 174 15.64 -9.26 6.24
C ASP C 174 16.52 -10.31 5.55
N THR C 175 16.70 -11.44 6.21
CA THR C 175 17.52 -12.54 5.71
C THR C 175 17.03 -13.11 4.37
N ALA C 176 15.75 -12.95 4.10
CA ALA C 176 15.14 -13.46 2.87
C ALA C 176 15.35 -12.53 1.67
N GLU C 177 16.05 -11.43 1.88
CA GLU C 177 16.30 -10.47 0.80
C GLU C 177 17.55 -10.79 0.01
N THR C 178 17.37 -11.04 -1.28
CA THR C 178 18.48 -11.33 -2.18
C THR C 178 19.08 -9.99 -2.59
N THR C 179 18.35 -9.29 -3.46
CA THR C 179 18.73 -7.98 -3.98
C THR C 179 18.29 -6.91 -2.98
N ASN C 180 19.10 -5.86 -2.83
CA ASN C 180 18.75 -4.77 -1.90
C ASN C 180 17.46 -4.10 -2.36
N VAL C 181 16.50 -4.02 -1.45
CA VAL C 181 15.21 -3.43 -1.76
C VAL C 181 15.25 -2.00 -2.29
N GLN C 182 16.19 -1.18 -1.81
CA GLN C 182 16.25 0.20 -2.28
C GLN C 182 17.27 0.52 -3.38
N GLY C 183 17.86 -0.52 -3.97
CA GLY C 183 18.82 -0.29 -5.05
C GLY C 183 20.26 -0.07 -4.62
N TRP C 184 21.05 0.52 -5.52
CA TRP C 184 22.47 0.73 -5.27
C TRP C 184 22.98 2.08 -5.71
N VAL C 185 24.20 2.37 -5.29
CA VAL C 185 24.91 3.58 -5.68
C VAL C 185 26.20 3.07 -6.31
N CYS C 186 26.54 3.58 -7.49
CA CYS C 186 27.78 3.18 -8.15
C CYS C 186 28.64 4.39 -8.41
N VAL C 187 29.90 4.30 -8.02
CA VAL C 187 30.85 5.38 -8.24
C VAL C 187 31.81 4.93 -9.35
N TYR C 188 31.92 5.72 -10.40
CA TYR C 188 32.80 5.41 -11.52
C TYR C 188 33.88 6.44 -11.70
N GLN C 189 34.88 6.02 -12.46
CA GLN C 189 36.00 6.86 -12.80
C GLN C 189 35.99 6.92 -14.32
N ILE C 190 35.58 8.06 -14.87
CA ILE C 190 35.52 8.25 -16.31
C ILE C 190 36.94 8.15 -16.88
N THR C 191 37.87 8.88 -16.28
CA THR C 191 39.31 8.89 -16.65
C THR C 191 40.08 9.56 -15.55
N HIS C 192 41.39 9.65 -15.77
CA HIS C 192 42.28 10.34 -14.86
C HIS C 192 43.56 10.64 -15.63
N GLY C 193 44.33 11.60 -15.12
CA GLY C 193 45.59 11.96 -15.74
C GLY C 193 46.59 11.98 -14.59
N LYS C 194 47.51 11.01 -14.58
CA LYS C 194 48.52 10.92 -13.52
C LYS C 194 47.95 10.85 -12.11
N ALA C 195 46.78 10.23 -11.98
CA ALA C 195 46.13 10.12 -10.68
C ALA C 195 46.24 8.73 -10.03
N GLU C 196 47.17 7.90 -10.51
CA GLU C 196 47.36 6.55 -9.97
C GLU C 196 47.69 6.64 -8.48
N ASN C 197 47.04 5.77 -7.71
CA ASN C 197 47.25 5.73 -6.26
C ASN C 197 46.72 6.93 -5.51
N ASP C 198 46.04 7.83 -6.21
CA ASP C 198 45.46 8.98 -5.53
C ASP C 198 44.05 8.57 -5.06
N THR C 199 43.66 9.15 -3.94
CA THR C 199 42.45 8.83 -3.22
C THR C 199 41.21 9.76 -3.28
N LEU C 200 40.04 9.16 -3.07
CA LEU C 200 38.78 9.89 -3.05
C LEU C 200 38.03 9.47 -1.79
N LEU C 201 38.06 10.34 -0.77
CA LEU C 201 37.37 10.08 0.49
C LEU C 201 35.86 10.21 0.30
N VAL C 202 35.10 9.29 0.87
CA VAL C 202 33.65 9.40 0.75
C VAL C 202 32.95 9.27 2.10
N SER C 203 32.08 10.24 2.36
CA SER C 203 31.35 10.28 3.61
C SER C 203 29.87 10.51 3.35
N ALA C 204 29.08 10.33 4.40
CA ALA C 204 27.63 10.49 4.31
C ALA C 204 27.06 11.32 5.44
N SER C 205 25.93 11.96 5.16
CA SER C 205 25.21 12.79 6.13
C SER C 205 23.73 12.77 5.76
N ALA C 206 22.89 13.14 6.72
CA ALA C 206 21.45 13.19 6.53
C ALA C 206 21.08 14.42 5.69
N GLY C 207 20.15 14.26 4.75
CA GLY C 207 19.71 15.37 3.93
C GLY C 207 18.63 16.15 4.66
N LYS C 208 18.13 17.22 4.05
CA LYS C 208 17.10 18.08 4.66
C LYS C 208 15.79 17.39 5.02
N ASP C 209 15.39 16.37 4.27
CA ASP C 209 14.14 15.68 4.58
C ASP C 209 14.33 14.25 5.08
N PHE C 210 15.55 13.91 5.49
CA PHE C 210 15.80 12.58 6.02
C PHE C 210 15.00 12.48 7.31
N GLU C 211 14.37 11.32 7.53
CA GLU C 211 13.54 11.13 8.70
C GLU C 211 13.60 9.71 9.21
N LEU C 212 13.63 9.56 10.53
CA LEU C 212 13.66 8.26 11.20
C LEU C 212 12.45 8.20 12.13
N ARG C 213 11.67 7.12 12.08
CA ARG C 213 10.53 6.96 12.97
C ARG C 213 10.46 5.58 13.59
N LEU C 214 9.71 5.48 14.69
CA LEU C 214 9.49 4.22 15.39
C LEU C 214 10.73 3.67 16.11
N PRO C 215 11.02 4.20 17.31
CA PRO C 215 12.16 3.81 18.14
C PRO C 215 12.15 2.30 18.41
N ILE C 216 13.34 1.69 18.43
CA ILE C 216 13.47 0.26 18.68
C ILE C 216 14.79 0.01 19.45
N ASP C 217 14.81 -1.03 20.27
CA ASP C 217 15.96 -1.45 21.08
C ASP C 217 16.23 -2.89 20.58
N PRO C 218 17.02 -3.03 19.50
CA PRO C 218 17.33 -4.32 18.88
C PRO C 218 18.62 -5.09 19.20
N ARG C 219 19.62 -4.42 19.75
CA ARG C 219 20.89 -5.09 20.02
C ARG C 219 20.84 -6.12 21.13
N THR C 220 21.66 -7.16 20.97
CA THR C 220 21.77 -8.26 21.92
C THR C 220 22.38 -7.78 23.23
N GLN C 221 21.72 -8.08 24.33
CA GLN C 221 22.18 -7.65 25.65
C GLN C 221 22.08 -8.80 26.67
N SER D 15 -17.18 9.53 16.19
CA SER D 15 -16.49 8.27 16.57
C SER D 15 -17.41 7.07 16.28
N GLY D 16 -17.16 5.95 16.95
CA GLY D 16 -17.99 4.77 16.75
C GLY D 16 -17.76 3.78 17.86
N ASN D 17 -18.72 3.68 18.77
CA ASN D 17 -18.64 2.77 19.91
C ASN D 17 -17.72 3.17 21.06
N THR D 18 -17.78 4.45 21.39
CA THR D 18 -17.07 5.05 22.50
C THR D 18 -18.21 5.89 23.08
N GLY D 19 -18.49 5.75 24.36
CA GLY D 19 -19.60 6.48 24.95
C GLY D 19 -19.30 7.17 26.26
N SER D 20 -18.03 7.55 26.45
CA SER D 20 -17.62 8.23 27.67
C SER D 20 -17.75 9.73 27.51
N ILE D 21 -18.28 10.37 28.54
CA ILE D 21 -18.50 11.82 28.55
C ILE D 21 -17.19 12.57 28.79
N ILE D 22 -16.46 12.15 29.83
CA ILE D 22 -15.21 12.80 30.18
C ILE D 22 -14.11 12.72 29.13
N ASN D 23 -13.52 13.89 28.91
CA ASN D 23 -12.42 14.13 27.99
C ASN D 23 -11.27 13.19 28.38
N ASN D 24 -10.51 12.71 27.40
CA ASN D 24 -9.38 11.79 27.67
C ASN D 24 -8.21 12.36 28.51
N TYR D 25 -7.67 11.53 29.41
CA TYR D 25 -6.56 11.90 30.30
C TYR D 25 -5.25 12.01 29.52
N TYR D 26 -5.16 11.27 28.43
CA TYR D 26 -3.95 11.30 27.60
C TYR D 26 -4.17 12.14 26.37
N MET D 27 -3.10 12.80 25.92
CA MET D 27 -3.17 13.64 24.74
C MET D 27 -3.43 12.80 23.51
N GLN D 28 -4.03 13.42 22.50
CA GLN D 28 -4.38 12.73 21.28
C GLN D 28 -3.20 12.12 20.53
N GLN D 29 -2.05 12.77 20.61
CA GLN D 29 -0.85 12.29 19.92
C GLN D 29 -0.25 11.04 20.59
N TYR D 30 -0.83 10.65 21.72
CA TYR D 30 -0.42 9.45 22.43
C TYR D 30 -1.50 8.41 22.31
N GLN D 31 -2.75 8.85 22.43
CA GLN D 31 -3.89 7.93 22.37
C GLN D 31 -4.05 7.34 20.99
N ASN D 32 -3.71 8.09 19.94
CA ASN D 32 -3.83 7.59 18.57
C ASN D 32 -2.69 7.98 17.66
N SER D 33 -2.62 7.35 16.49
CA SER D 33 -1.62 7.69 15.50
C SER D 33 -2.18 9.00 14.92
N MET D 34 -1.32 9.84 14.34
CA MET D 34 -1.79 11.10 13.77
C MET D 34 -1.84 11.02 12.25
N SER D 35 -2.99 11.36 11.67
CA SER D 35 -3.16 11.33 10.21
C SER D 35 -2.48 12.56 9.59
N THR D 36 -2.00 12.42 8.36
CA THR D 36 -1.39 13.55 7.65
C THR D 36 -2.07 13.65 6.29
N GLN D 37 -1.96 14.81 5.63
CA GLN D 37 -2.64 14.97 4.34
C GLN D 37 -1.73 15.46 3.24
N LEU D 38 -2.19 15.28 2.01
CA LEU D 38 -1.50 15.84 0.85
C LEU D 38 -2.58 16.27 -0.14
N GLY D 39 -2.66 17.58 -0.36
CA GLY D 39 -3.66 18.11 -1.27
C GLY D 39 -3.42 19.55 -1.70
N THR D 62 -10.56 14.41 7.51
CA THR D 62 -11.62 13.47 7.06
C THR D 62 -12.72 14.23 6.28
N GLN D 63 -12.62 14.18 4.95
CA GLN D 63 -13.55 14.86 4.04
C GLN D 63 -14.63 13.92 3.47
N ASN D 64 -15.53 14.47 2.65
CA ASN D 64 -16.59 13.64 2.05
C ASN D 64 -16.07 12.96 0.79
N ASN D 65 -15.29 11.92 1.04
CA ASN D 65 -14.69 11.10 0.01
C ASN D 65 -15.39 9.74 0.23
N ASP D 66 -16.72 9.81 0.40
CA ASP D 66 -17.53 8.62 0.61
C ASP D 66 -18.24 8.22 -0.68
N TRP D 67 -17.52 7.46 -1.48
CA TRP D 67 -17.99 7.00 -2.77
C TRP D 67 -19.34 6.33 -2.71
N PHE D 68 -19.48 5.35 -1.82
CA PHE D 68 -20.73 4.60 -1.72
C PHE D 68 -21.93 5.38 -1.24
N SER D 69 -21.68 6.42 -0.44
CA SER D 69 -22.77 7.25 0.01
C SER D 69 -23.27 8.02 -1.21
N LYS D 70 -22.34 8.53 -2.03
CA LYS D 70 -22.70 9.28 -3.24
C LYS D 70 -23.47 8.36 -4.19
N LEU D 71 -22.92 7.17 -4.39
CA LEU D 71 -23.49 6.17 -5.30
C LEU D 71 -24.94 5.86 -4.93
N ALA D 72 -25.17 5.58 -3.65
CA ALA D 72 -26.50 5.25 -3.16
C ALA D 72 -27.49 6.40 -3.30
N SER D 73 -27.04 7.62 -2.99
CA SER D 73 -27.91 8.81 -3.08
C SER D 73 -28.25 9.17 -4.52
N SER D 74 -27.42 8.74 -5.45
CA SER D 74 -27.64 9.01 -6.87
C SER D 74 -28.65 8.04 -7.52
N ALA D 75 -29.08 7.03 -6.77
CA ALA D 75 -30.01 6.04 -7.30
C ALA D 75 -31.30 6.65 -7.84
N PHE D 76 -31.73 6.14 -8.99
CA PHE D 76 -32.95 6.58 -9.64
C PHE D 76 -34.15 6.10 -8.81
N THR D 77 -35.07 7.02 -8.52
CA THR D 77 -36.24 6.73 -7.68
C THR D 77 -37.57 6.94 -8.40
N GLY D 78 -37.55 7.70 -9.48
CA GLY D 78 -38.78 8.00 -10.20
C GLY D 78 -39.54 6.85 -10.79
N LEU D 79 -40.05 7.11 -11.99
CA LEU D 79 -40.84 6.15 -12.73
C LEU D 79 -40.59 6.53 -14.18
N PHE D 80 -39.97 5.64 -14.95
CA PHE D 80 -39.73 5.92 -16.36
C PHE D 80 -41.09 5.78 -17.10
N GLY D 81 -41.41 6.77 -17.94
CA GLY D 81 -42.67 6.73 -18.69
C GLY D 81 -43.83 7.51 -18.09
N ALA D 82 -44.99 7.43 -18.74
CA ALA D 82 -46.22 8.12 -18.30
C ALA D 82 -47.00 7.30 -17.25
N LEU D 83 -47.69 8.01 -16.35
CA LEU D 83 -48.45 7.36 -15.29
C LEU D 83 -49.98 7.62 -15.35
N LEU D 84 -50.75 6.61 -14.96
CA LEU D 84 -52.21 6.66 -14.93
C LEU D 84 -52.67 6.25 -13.51
N ALA D 85 -52.79 7.21 -12.60
CA ALA D 85 -53.22 6.89 -11.23
C ALA D 85 -54.66 7.28 -10.93
#